data_2CCI
#
_entry.id   2CCI
#
_cell.length_a   74.420
_cell.length_b   114.389
_cell.length_c   170.709
_cell.angle_alpha   90.00
_cell.angle_beta   90.00
_cell.angle_gamma   90.00
#
_symmetry.space_group_name_H-M   'P 21 21 21'
#
loop_
_entity.id
_entity.type
_entity.pdbx_description
1 polymer 'Cyclin-dependent kinase 2'
2 polymer Cyclin-A2
3 polymer 'Cell division control protein 6 homolog'
4 non-polymer "ADENOSINE-5'-TRIPHOSPHATE"
5 non-polymer 'MAGNESIUM ION'
6 water water
#
loop_
_entity_poly.entity_id
_entity_poly.type
_entity_poly.pdbx_seq_one_letter_code
_entity_poly.pdbx_strand_id
1 'polypeptide(L)'
;SMENFQKVEKIGEGTYGVVYKARNKLTGEVVALKKIRLDTETEGVPSTAIREISLLKELNHPNIVKLLDVIHTENKLYLV
FEFLHQDLKKFMDASALTGIPLPLIKSYLFQLLQGLAFCHSHRVLHRDLKPQNLLINTEGAIKLADFGLARAFGVPVRTY
(TPO)HEVVTLWYRAPEILLGCKYYSTAVDIWSLGCIFAEMVTRRALFPGDSEIDQLFRIFRTLGTPDEVVWPGVTSMPD
YKPSFPKWARQDFSKVVPPLDEDGRSLLSQMLHYDPNKRISAKAALAHPFFQDVTKPVPHLRL
;
A,C
2 'polypeptide(L)'
;VPDYHEDIHTYLREMEVKCKPKVGYMKKQPDITNSMRAILVDWLVEVGEEYKLQNETLHLAVNYIDRFLSSMSVLRGKLQ
LVGTAAMLLASKFEEIYPPEVAEFVYITDDTYTKKQVLRMEHLVLKVLTFDLAAPTVNQFLTQYFLHQQPANCKVESLAM
FLGELSLIDADPYLKYLPSVIAGAAFHLALYTVTGQSWPESLIRKTGYTLESLKPCLMDLHQTYLKAPQHAQQSIREKYK
NSKYHGVSLLNPPETLNL
;
B,D
3 'polypeptide(L)' HHASPRKQGKKENGPPHSHTLKGRRLVFDN F,I
#
# COMPACT_ATOMS: atom_id res chain seq x y z
N SER A 1 -2.66 53.68 -5.68
CA SER A 1 -2.50 52.35 -5.02
C SER A 1 -1.20 52.31 -4.20
N MET A 2 -0.10 52.61 -4.86
CA MET A 2 1.19 52.79 -4.19
C MET A 2 1.64 54.23 -4.30
N GLU A 3 0.83 55.03 -4.99
CA GLU A 3 1.11 56.43 -5.24
C GLU A 3 1.23 57.29 -3.98
N ASN A 4 0.68 56.81 -2.88
CA ASN A 4 0.70 57.59 -1.64
C ASN A 4 2.00 57.48 -0.86
N PHE A 5 2.74 56.40 -1.09
CA PHE A 5 4.04 56.18 -0.45
C PHE A 5 5.19 56.78 -1.25
N GLN A 6 6.05 57.51 -0.55
CA GLN A 6 7.26 58.07 -1.14
C GLN A 6 8.47 57.34 -0.56
N LYS A 7 9.18 56.62 -1.41
CA LYS A 7 10.36 55.86 -0.98
C LYS A 7 11.49 56.81 -0.60
N VAL A 8 11.97 56.71 0.64
CA VAL A 8 13.06 57.56 1.12
C VAL A 8 14.42 56.90 0.82
N GLU A 9 14.69 55.76 1.47
CA GLU A 9 15.94 55.04 1.30
C GLU A 9 15.84 53.54 1.56
N LYS A 10 16.89 52.82 1.17
CA LYS A 10 16.96 51.37 1.37
C LYS A 10 17.27 51.03 2.81
N ILE A 11 16.71 49.93 3.32
CA ILE A 11 16.86 49.64 4.76
C ILE A 11 17.28 48.20 5.14
N GLY A 12 17.40 47.29 4.18
CA GLY A 12 18.01 46.00 4.48
C GLY A 12 17.66 44.75 3.71
N GLU A 13 17.71 44.83 2.38
CA GLU A 13 17.66 43.65 1.46
C GLU A 13 17.01 42.38 2.01
N GLY A 14 15.77 42.11 1.58
CA GLY A 14 14.93 41.11 2.22
C GLY A 14 14.53 39.88 1.43
N THR A 15 15.49 39.30 0.71
CA THR A 15 15.41 37.93 0.13
C THR A 15 14.26 37.52 -0.83
N TYR A 16 13.12 38.21 -0.78
CA TYR A 16 12.11 38.13 -1.84
C TYR A 16 11.99 39.47 -2.55
N GLY A 17 13.04 40.27 -2.42
CA GLY A 17 13.05 41.68 -2.85
C GLY A 17 13.71 42.54 -1.78
N VAL A 18 13.76 43.85 -2.04
CA VAL A 18 14.42 44.79 -1.12
C VAL A 18 13.44 45.43 -0.15
N VAL A 19 13.94 45.91 1.00
CA VAL A 19 13.11 46.55 2.00
C VAL A 19 13.43 48.02 2.11
N TYR A 20 12.43 48.87 1.84
CA TYR A 20 12.59 50.31 1.83
C TYR A 20 12.04 50.98 3.08
N LYS A 21 12.29 52.29 3.19
CA LYS A 21 11.65 53.13 4.17
C LYS A 21 10.87 54.16 3.37
N ALA A 22 9.59 54.32 3.70
CA ALA A 22 8.70 55.18 2.92
C ALA A 22 7.87 56.12 3.79
N ARG A 23 7.32 57.15 3.14
CA ARG A 23 6.45 58.12 3.80
C ARG A 23 5.09 58.16 3.11
N ASN A 24 4.03 58.02 3.91
CA ASN A 24 2.69 58.29 3.43
C ASN A 24 2.58 59.79 3.17
N LYS A 25 2.34 60.16 1.92
CA LYS A 25 2.33 61.56 1.51
C LYS A 25 1.18 62.38 2.11
N LEU A 26 0.13 61.69 2.56
CA LEU A 26 -1.07 62.36 3.03
C LEU A 26 -1.14 62.47 4.56
N THR A 27 -0.70 61.44 5.26
CA THR A 27 -0.71 61.44 6.73
C THR A 27 0.64 61.73 7.38
N GLY A 28 1.72 61.61 6.61
CA GLY A 28 3.08 61.83 7.12
C GLY A 28 3.69 60.61 7.77
N GLU A 29 2.95 59.50 7.78
CA GLU A 29 3.38 58.29 8.47
C GLU A 29 4.62 57.67 7.84
N VAL A 30 5.57 57.29 8.70
CA VAL A 30 6.81 56.65 8.26
C VAL A 30 6.63 55.14 8.31
N VAL A 31 6.92 54.47 7.19
CA VAL A 31 6.69 53.03 7.09
C VAL A 31 7.88 52.29 6.47
N ALA A 32 7.90 50.97 6.64
CA ALA A 32 8.86 50.10 5.96
C ALA A 32 8.11 49.15 5.02
N LEU A 33 8.44 49.23 3.73
CA LEU A 33 7.83 48.40 2.69
C LEU A 33 8.73 47.23 2.33
N LYS A 34 8.15 46.03 2.26
CA LYS A 34 8.86 44.80 1.95
C LYS A 34 8.30 44.20 0.66
N LYS A 35 9.05 44.35 -0.43
CA LYS A 35 8.61 43.99 -1.78
C LYS A 35 8.63 42.48 -1.97
N ILE A 36 7.65 41.95 -2.68
CA ILE A 36 7.59 40.51 -2.98
C ILE A 36 7.26 40.34 -4.45
N ARG A 37 8.27 40.01 -5.25
CA ARG A 37 8.10 39.86 -6.69
C ARG A 37 7.50 38.48 -6.99
N LEU A 38 6.41 38.47 -7.76
CA LEU A 38 5.68 37.22 -8.00
C LEU A 38 6.06 36.53 -9.33
N ASP A 39 6.26 37.33 -10.39
CA ASP A 39 6.72 36.87 -11.73
C ASP A 39 5.59 36.23 -12.58
N THR A 40 5.97 35.44 -13.57
CA THR A 40 5.05 34.57 -14.33
C THR A 40 5.64 33.16 -14.48
N GLU A 41 4.78 32.16 -14.29
CA GLU A 41 5.14 30.72 -14.33
C GLU A 41 5.77 30.21 -13.02
N THR A 42 5.77 31.02 -11.96
CA THR A 42 6.25 30.59 -10.63
C THR A 42 5.25 29.68 -9.90
N GLU A 43 5.41 29.59 -8.59
CA GLU A 43 4.52 28.76 -7.75
C GLU A 43 3.49 29.60 -7.00
N GLY A 44 3.02 30.68 -7.63
CA GLY A 44 2.06 31.61 -7.03
C GLY A 44 2.56 32.33 -5.80
N VAL A 45 1.63 32.93 -5.05
CA VAL A 45 1.97 33.63 -3.82
C VAL A 45 2.73 32.72 -2.87
N PRO A 46 3.98 33.09 -2.54
CA PRO A 46 4.85 32.29 -1.67
C PRO A 46 4.19 31.94 -0.34
N SER A 47 4.51 30.75 0.17
CA SER A 47 3.94 30.26 1.43
C SER A 47 4.46 31.01 2.65
N THR A 48 5.69 31.50 2.58
CA THR A 48 6.23 32.36 3.64
C THR A 48 5.46 33.67 3.69
N ALA A 49 5.09 34.19 2.53
CA ALA A 49 4.30 35.41 2.43
C ALA A 49 2.88 35.20 2.99
N ILE A 50 2.25 34.10 2.59
CA ILE A 50 0.96 33.67 3.12
C ILE A 50 0.99 33.55 4.65
N ARG A 51 2.01 32.88 5.20
CA ARG A 51 2.09 32.70 6.66
C ARG A 51 2.37 34.03 7.35
N GLU A 52 3.48 34.68 6.99
CA GLU A 52 3.82 35.97 7.59
C GLU A 52 2.59 36.90 7.72
N ILE A 53 1.76 36.96 6.67
CA ILE A 53 0.60 37.85 6.72
C ILE A 53 -0.48 37.34 7.69
N SER A 54 -1.00 36.13 7.46
CA SER A 54 -2.15 35.64 8.21
C SER A 54 -1.91 35.63 9.73
N LEU A 55 -0.71 35.23 10.15
CA LEU A 55 -0.40 35.10 11.56
C LEU A 55 -0.10 36.47 12.19
N LEU A 56 0.55 37.33 11.42
CA LEU A 56 0.80 38.72 11.81
C LEU A 56 -0.49 39.54 11.95
N LYS A 57 -1.50 39.21 11.14
CA LYS A 57 -2.82 39.85 11.24
C LYS A 57 -3.57 39.41 12.49
N GLU A 58 -3.08 38.36 13.13
CA GLU A 58 -3.64 37.89 14.39
C GLU A 58 -2.82 38.37 15.59
N LEU A 59 -1.59 38.83 15.36
CA LEU A 59 -0.68 39.18 16.45
C LEU A 59 -0.59 40.69 16.70
N ASN A 60 -1.56 41.22 17.42
CA ASN A 60 -1.56 42.64 17.75
C ASN A 60 -1.02 42.81 19.17
N HIS A 61 0.25 43.21 19.27
CA HIS A 61 0.93 43.37 20.55
C HIS A 61 2.02 44.45 20.46
N PRO A 62 2.19 45.24 21.54
CA PRO A 62 3.27 46.25 21.66
C PRO A 62 4.68 45.76 21.30
N ASN A 63 4.93 44.47 21.45
CA ASN A 63 6.28 43.95 21.20
C ASN A 63 6.38 43.04 20.00
N ILE A 64 5.45 43.21 19.07
CA ILE A 64 5.47 42.52 17.80
C ILE A 64 5.28 43.56 16.70
N VAL A 65 6.12 43.50 15.67
CA VAL A 65 6.03 44.47 14.58
C VAL A 65 4.61 44.46 14.01
N LYS A 66 4.12 45.64 13.69
CA LYS A 66 2.74 45.83 13.29
C LYS A 66 2.63 45.87 11.76
N LEU A 67 1.84 44.96 11.21
CA LEU A 67 1.54 44.97 9.80
C LEU A 67 0.41 45.96 9.58
N LEU A 68 0.60 46.93 8.69
CA LEU A 68 -0.42 47.97 8.50
C LEU A 68 -1.34 47.76 7.31
N ASP A 69 -0.81 47.20 6.23
CA ASP A 69 -1.54 47.10 4.97
C ASP A 69 -0.84 46.10 4.07
N VAL A 70 -1.63 45.33 3.32
CA VAL A 70 -1.10 44.45 2.28
C VAL A 70 -1.65 44.91 0.95
N ILE A 71 -0.85 45.68 0.21
CA ILE A 71 -1.29 46.20 -1.09
C ILE A 71 -1.15 45.13 -2.18
N HIS A 72 -2.30 44.69 -2.67
CA HIS A 72 -2.47 43.35 -3.25
C HIS A 72 -2.67 43.37 -4.77
N THR A 73 -1.66 43.88 -5.48
CA THR A 73 -1.68 43.92 -6.95
C THR A 73 -1.56 42.48 -7.51
N GLU A 74 -1.88 42.31 -8.79
CA GLU A 74 -1.62 41.04 -9.49
C GLU A 74 -0.13 40.89 -9.84
N ASN A 75 0.56 42.02 -10.00
CA ASN A 75 1.97 42.05 -10.41
C ASN A 75 2.96 41.92 -9.25
N LYS A 76 2.68 42.59 -8.14
CA LYS A 76 3.53 42.53 -6.94
C LYS A 76 2.72 42.64 -5.66
N LEU A 77 3.26 42.08 -4.58
CA LEU A 77 2.65 42.19 -3.25
C LEU A 77 3.54 43.00 -2.31
N TYR A 78 3.05 44.17 -1.90
CA TYR A 78 3.80 45.03 -0.98
C TYR A 78 3.33 44.80 0.43
N LEU A 79 4.26 44.74 1.38
CA LEU A 79 3.89 44.63 2.80
C LEU A 79 4.28 45.90 3.54
N VAL A 80 3.32 46.51 4.23
CA VAL A 80 3.58 47.78 4.89
C VAL A 80 3.64 47.54 6.39
N PHE A 81 4.79 47.85 6.97
CA PHE A 81 5.02 47.70 8.39
C PHE A 81 5.17 49.08 9.03
N GLU A 82 4.96 49.16 10.34
CA GLU A 82 5.43 50.30 11.11
C GLU A 82 6.94 50.30 10.95
N PHE A 83 7.54 51.50 10.96
CA PHE A 83 8.99 51.62 10.82
C PHE A 83 9.63 51.76 12.18
N LEU A 84 10.79 51.15 12.34
CA LEU A 84 11.60 51.34 13.55
C LEU A 84 13.05 51.72 13.21
N HIS A 85 13.66 52.53 14.10
CA HIS A 85 15.01 53.08 13.90
C HIS A 85 16.00 52.08 13.28
N GLN A 86 16.22 50.95 13.96
CA GLN A 86 17.13 49.91 13.49
C GLN A 86 16.86 48.55 14.16
N ASP A 87 17.53 47.51 13.68
CA ASP A 87 17.40 46.19 14.28
C ASP A 87 18.45 46.00 15.36
N LEU A 88 18.24 45.03 16.25
CA LEU A 88 19.14 44.79 17.39
C LEU A 88 20.60 44.57 16.97
N LYS A 89 20.80 43.79 15.91
CA LYS A 89 22.14 43.48 15.44
C LYS A 89 22.97 44.75 15.26
N LYS A 90 22.45 45.70 14.48
CA LYS A 90 23.17 46.95 14.19
C LYS A 90 23.33 47.83 15.43
N PHE A 91 22.36 47.77 16.34
CA PHE A 91 22.44 48.50 17.59
C PHE A 91 23.62 48.01 18.45
N MET A 92 23.77 46.69 18.60
CA MET A 92 24.88 46.14 19.38
C MET A 92 26.24 46.47 18.77
N ASP A 93 26.32 46.44 17.43
CA ASP A 93 27.56 46.74 16.71
C ASP A 93 28.08 48.14 16.96
N ALA A 94 27.20 49.16 16.95
CA ALA A 94 27.62 50.52 17.27
C ALA A 94 27.75 50.74 18.79
N SER A 95 27.40 49.71 19.56
CA SER A 95 27.57 49.71 21.01
C SER A 95 28.71 48.78 21.44
N ALA A 96 29.36 48.16 20.45
CA ALA A 96 30.50 47.26 20.70
C ALA A 96 31.69 47.95 21.37
N LEU A 97 31.56 49.25 21.60
CA LEU A 97 32.60 50.02 22.28
C LEU A 97 32.42 49.90 23.80
N THR A 98 31.48 50.65 24.35
CA THR A 98 31.28 50.72 25.80
C THR A 98 30.09 49.88 26.31
N GLY A 99 29.56 49.02 25.45
CA GLY A 99 28.54 48.07 25.88
C GLY A 99 27.14 48.65 26.06
N ILE A 100 26.22 47.78 26.45
CA ILE A 100 24.83 48.15 26.63
C ILE A 100 24.54 48.09 28.14
N PRO A 101 23.95 49.17 28.71
CA PRO A 101 23.71 49.15 30.16
C PRO A 101 22.66 48.10 30.59
N LEU A 102 22.88 47.50 31.76
CA LEU A 102 22.04 46.43 32.30
C LEU A 102 20.55 46.78 32.47
N PRO A 103 20.21 48.02 32.86
CA PRO A 103 18.78 48.32 32.85
C PRO A 103 18.16 48.13 31.47
N LEU A 104 18.91 48.45 30.42
CA LEU A 104 18.37 48.36 29.07
C LEU A 104 18.32 46.93 28.57
N ILE A 105 19.34 46.14 28.89
CA ILE A 105 19.33 44.70 28.55
C ILE A 105 18.12 44.03 29.22
N LYS A 106 17.98 44.28 30.52
CA LYS A 106 16.83 43.82 31.31
C LYS A 106 15.51 44.19 30.65
N SER A 107 15.40 45.45 30.20
CA SER A 107 14.17 45.97 29.58
C SER A 107 13.88 45.32 28.24
N TYR A 108 14.92 45.19 27.41
CA TYR A 108 14.79 44.53 26.12
C TYR A 108 14.38 43.06 26.25
N LEU A 109 14.94 42.36 27.23
CA LEU A 109 14.61 40.95 27.47
C LEU A 109 13.16 40.82 27.93
N PHE A 110 12.75 41.70 28.85
CA PHE A 110 11.40 41.72 29.40
C PHE A 110 10.34 41.90 28.31
N GLN A 111 10.58 42.83 27.40
CA GLN A 111 9.62 43.12 26.34
C GLN A 111 9.57 41.99 25.33
N LEU A 112 10.74 41.38 25.09
CA LEU A 112 10.83 40.31 24.11
C LEU A 112 10.08 39.11 24.62
N LEU A 113 10.29 38.79 25.90
CA LEU A 113 9.56 37.71 26.54
C LEU A 113 8.05 37.97 26.52
N GLN A 114 7.66 39.24 26.59
CA GLN A 114 6.24 39.62 26.48
C GLN A 114 5.67 39.35 25.08
N GLY A 115 6.49 39.63 24.05
CA GLY A 115 6.06 39.46 22.66
C GLY A 115 6.02 38.00 22.31
N LEU A 116 7.06 37.28 22.75
CA LEU A 116 7.14 35.83 22.58
C LEU A 116 5.95 35.13 23.25
N ALA A 117 5.61 35.56 24.46
CA ALA A 117 4.54 34.94 25.24
C ALA A 117 3.19 35.12 24.57
N PHE A 118 3.00 36.27 23.90
CA PHE A 118 1.77 36.55 23.17
C PHE A 118 1.66 35.64 21.93
N CYS A 119 2.80 35.37 21.30
CA CYS A 119 2.85 34.49 20.15
C CYS A 119 2.46 33.07 20.54
N HIS A 120 3.10 32.54 21.59
CA HIS A 120 2.87 31.17 21.98
C HIS A 120 1.46 30.98 22.49
N SER A 121 0.91 32.05 23.07
CA SER A 121 -0.49 32.03 23.51
C SER A 121 -1.49 31.99 22.35
N HIS A 122 -1.05 32.44 21.18
CA HIS A 122 -1.88 32.46 19.97
C HIS A 122 -1.43 31.36 19.00
N ARG A 123 -0.96 30.25 19.56
CA ARG A 123 -0.46 29.09 18.80
C ARG A 123 0.49 29.42 17.63
N VAL A 124 1.51 30.24 17.89
CA VAL A 124 2.46 30.62 16.84
C VAL A 124 3.90 30.42 17.28
N LEU A 125 4.65 29.65 16.49
CA LEU A 125 6.10 29.52 16.67
C LEU A 125 6.84 30.49 15.74
N HIS A 126 7.76 31.26 16.29
CA HIS A 126 8.52 32.22 15.51
C HIS A 126 9.60 31.57 14.63
N ARG A 127 10.38 30.68 15.24
CA ARG A 127 11.42 29.91 14.54
C ARG A 127 12.52 30.72 13.82
N ASP A 128 12.64 32.01 14.06
CA ASP A 128 13.81 32.73 13.54
C ASP A 128 14.28 33.90 14.42
N LEU A 129 14.26 33.70 15.73
CA LEU A 129 14.69 34.76 16.65
C LEU A 129 16.20 34.94 16.65
N LYS A 130 16.63 36.05 16.02
CA LYS A 130 18.01 36.50 16.03
C LYS A 130 17.99 38.02 16.02
N PRO A 131 19.07 38.68 16.50
CA PRO A 131 19.17 40.15 16.62
C PRO A 131 18.69 40.96 15.40
N GLN A 132 19.04 40.52 14.19
CA GLN A 132 18.64 41.26 12.99
C GLN A 132 17.13 41.19 12.76
N ASN A 133 16.45 40.32 13.50
CA ASN A 133 15.00 40.16 13.42
C ASN A 133 14.26 40.81 14.58
N LEU A 134 15.01 41.48 15.45
CA LEU A 134 14.40 42.24 16.54
C LEU A 134 14.64 43.71 16.25
N LEU A 135 13.58 44.51 16.34
CA LEU A 135 13.62 45.93 15.99
C LEU A 135 13.49 46.84 17.21
N ILE A 136 14.23 47.95 17.20
CA ILE A 136 14.13 48.96 18.25
C ILE A 136 13.77 50.36 17.71
N ASN A 137 13.04 51.13 18.53
CA ASN A 137 12.70 52.50 18.17
C ASN A 137 13.48 53.52 19.01
N THR A 138 13.13 54.80 18.87
CA THR A 138 13.79 55.88 19.61
C THR A 138 13.51 55.89 21.13
N GLU A 139 12.40 55.29 21.55
CA GLU A 139 11.92 55.44 22.94
C GLU A 139 12.27 54.31 23.93
N GLY A 140 12.76 53.18 23.43
CA GLY A 140 13.12 52.07 24.31
C GLY A 140 12.25 50.84 24.16
N ALA A 141 11.34 50.88 23.19
CA ALA A 141 10.58 49.69 22.81
C ALA A 141 11.43 48.74 21.99
N ILE A 142 11.17 47.44 22.15
CA ILE A 142 11.75 46.42 21.29
C ILE A 142 10.63 45.47 20.78
N LYS A 143 10.80 44.90 19.59
CA LYS A 143 9.72 44.17 18.92
C LYS A 143 10.18 42.94 18.11
N LEU A 144 9.36 41.89 18.14
CA LEU A 144 9.60 40.74 17.26
C LEU A 144 9.29 41.15 15.82
N ALA A 145 10.22 40.87 14.92
CA ALA A 145 9.99 41.07 13.49
C ALA A 145 10.33 39.80 12.71
N ASP A 146 10.28 39.89 11.39
CA ASP A 146 10.54 38.76 10.50
C ASP A 146 9.79 37.48 10.89
N PHE A 147 8.51 37.40 10.49
CA PHE A 147 7.70 36.21 10.73
C PHE A 147 7.66 35.35 9.49
N GLY A 148 8.69 35.48 8.66
CA GLY A 148 8.79 34.75 7.40
C GLY A 148 8.96 33.25 7.58
N LEU A 149 9.41 32.84 8.76
CA LEU A 149 9.66 31.44 9.06
C LEU A 149 8.73 30.97 10.17
N ALA A 150 7.75 31.80 10.50
CA ALA A 150 6.78 31.46 11.55
C ALA A 150 5.78 30.41 11.06
N ARG A 151 5.25 29.61 11.99
CA ARG A 151 4.10 28.78 11.67
C ARG A 151 3.09 28.68 12.83
N ALA A 152 1.88 28.23 12.53
CA ALA A 152 0.84 28.09 13.53
C ALA A 152 0.75 26.63 13.98
N PHE A 153 1.16 26.36 15.22
CA PHE A 153 1.20 24.97 15.69
C PHE A 153 -0.14 24.51 16.25
N GLY A 154 -0.22 23.20 16.50
CA GLY A 154 -1.42 22.60 17.08
C GLY A 154 -1.06 21.91 18.38
N VAL A 155 -2.08 21.50 19.13
CA VAL A 155 -1.87 20.93 20.45
C VAL A 155 -2.39 19.49 20.46
N PRO A 156 -1.51 18.49 20.59
CA PRO A 156 -0.04 18.60 20.66
C PRO A 156 0.56 18.72 19.27
N VAL A 157 1.81 19.17 19.17
CA VAL A 157 2.47 19.42 17.88
C VAL A 157 2.61 18.16 17.02
N ARG A 158 2.68 18.39 15.71
CA ARG A 158 3.11 17.38 14.74
C ARG A 158 4.58 17.57 14.40
N THR A 159 5.09 16.75 13.48
CA THR A 159 6.41 16.98 12.93
C THR A 159 6.35 18.16 11.96
N TYR A 160 7.15 19.19 12.25
CA TYR A 160 7.19 20.38 11.41
C TYR A 160 8.48 20.39 10.60
N HIS A 162 12.10 20.77 9.43
CA HIS A 162 13.32 20.56 10.19
C HIS A 162 14.28 21.71 10.01
N GLU A 163 14.46 22.14 8.76
CA GLU A 163 15.36 23.24 8.43
C GLU A 163 14.72 24.53 8.92
N VAL A 164 15.05 24.88 10.15
CA VAL A 164 14.40 25.95 10.85
C VAL A 164 15.35 26.53 11.89
N VAL A 165 15.33 27.86 12.03
CA VAL A 165 16.18 28.65 12.96
C VAL A 165 17.63 28.82 12.46
N THR A 166 18.13 30.06 12.48
CA THR A 166 19.50 30.36 12.03
C THR A 166 20.47 29.63 12.95
N LEU A 167 21.46 28.97 12.36
CA LEU A 167 22.34 28.05 13.08
C LEU A 167 22.67 28.45 14.52
N TRP A 168 23.35 29.59 14.71
CA TRP A 168 23.81 30.00 16.05
C TRP A 168 22.72 30.05 17.13
N TYR A 169 21.45 30.15 16.71
CA TYR A 169 20.34 30.34 17.64
C TYR A 169 19.43 29.09 17.72
N ARG A 170 19.86 28.03 17.03
CA ARG A 170 19.08 26.80 16.90
C ARG A 170 19.22 25.90 18.13
N ALA A 171 18.09 25.55 18.74
CA ALA A 171 18.04 24.67 19.91
C ALA A 171 18.69 23.28 19.69
N PRO A 172 19.14 22.61 20.79
CA PRO A 172 19.76 21.29 20.58
C PRO A 172 18.79 20.13 20.29
N GLU A 173 17.48 20.33 20.46
CA GLU A 173 16.51 19.31 20.05
C GLU A 173 16.30 19.26 18.53
N ILE A 174 16.50 20.41 17.86
CA ILE A 174 16.47 20.48 16.39
C ILE A 174 17.72 19.83 15.81
N LEU A 175 18.89 20.25 16.30
CA LEU A 175 20.17 19.70 15.86
C LEU A 175 20.24 18.19 16.01
N LEU A 176 19.57 17.64 17.03
CA LEU A 176 19.56 16.19 17.24
C LEU A 176 18.48 15.44 16.45
N GLY A 177 17.73 16.19 15.64
CA GLY A 177 16.77 15.63 14.69
C GLY A 177 15.50 15.04 15.28
N CYS A 178 15.04 15.63 16.38
CA CYS A 178 13.88 15.10 17.10
C CYS A 178 12.62 15.06 16.26
N LYS A 179 11.72 14.16 16.65
CA LYS A 179 10.44 13.99 15.99
C LYS A 179 9.59 15.24 16.19
N TYR A 180 9.68 15.83 17.39
CA TYR A 180 8.86 16.99 17.73
C TYR A 180 9.64 18.13 18.37
N TYR A 181 9.38 19.34 17.88
CA TYR A 181 9.78 20.58 18.58
C TYR A 181 8.58 21.48 18.84
N SER A 182 8.78 22.49 19.67
CA SER A 182 7.72 23.42 20.08
C SER A 182 8.31 24.68 20.69
N THR A 183 7.46 25.40 21.42
CA THR A 183 7.76 26.71 22.01
C THR A 183 9.16 26.86 22.60
N ALA A 184 9.73 25.79 23.12
CA ALA A 184 11.07 25.84 23.69
C ALA A 184 12.12 26.33 22.69
N VAL A 185 11.92 26.07 21.40
CA VAL A 185 12.91 26.49 20.40
C VAL A 185 13.05 28.01 20.34
N ASP A 186 11.96 28.71 20.60
CA ASP A 186 11.98 30.15 20.63
C ASP A 186 12.67 30.67 21.90
N ILE A 187 12.54 29.91 22.98
CA ILE A 187 13.14 30.26 24.27
C ILE A 187 14.63 29.98 24.25
N TRP A 188 15.03 28.93 23.54
CA TRP A 188 16.44 28.68 23.37
C TRP A 188 17.07 29.88 22.70
N SER A 189 16.45 30.34 21.62
CA SER A 189 16.97 31.46 20.83
C SER A 189 17.13 32.74 21.65
N LEU A 190 16.11 33.07 22.43
CA LEU A 190 16.14 34.28 23.28
C LEU A 190 17.26 34.27 24.31
N GLY A 191 17.63 33.07 24.78
CA GLY A 191 18.68 32.90 25.78
C GLY A 191 20.01 33.25 25.17
N CYS A 192 20.31 32.63 24.02
CA CYS A 192 21.44 33.06 23.20
C CYS A 192 21.42 34.57 22.98
N ILE A 193 20.24 35.12 22.68
CA ILE A 193 20.13 36.57 22.43
C ILE A 193 20.37 37.37 23.71
N PHE A 194 19.94 36.81 24.85
CA PHE A 194 20.09 37.41 26.17
C PHE A 194 21.59 37.57 26.46
N ALA A 195 22.32 36.46 26.34
CA ALA A 195 23.78 36.46 26.46
C ALA A 195 24.44 37.36 25.43
N GLU A 196 23.98 37.29 24.18
CA GLU A 196 24.55 38.09 23.11
C GLU A 196 24.46 39.57 23.44
N MET A 197 23.44 39.93 24.21
CA MET A 197 23.25 41.33 24.59
C MET A 197 24.29 41.81 25.60
N VAL A 198 24.69 40.90 26.48
CA VAL A 198 25.63 41.21 27.56
C VAL A 198 27.05 41.34 27.03
N THR A 199 27.51 40.29 26.33
CA THR A 199 28.85 40.21 25.76
C THR A 199 28.98 40.87 24.39
N ARG A 200 27.85 41.24 23.81
CA ARG A 200 27.74 41.74 22.42
C ARG A 200 28.22 40.76 21.33
N ARG A 201 28.66 39.57 21.71
CA ARG A 201 28.97 38.57 20.69
C ARG A 201 28.17 37.28 20.82
N ALA A 202 28.07 36.55 19.71
CA ALA A 202 27.27 35.33 19.67
C ALA A 202 27.77 34.30 20.70
N LEU A 203 26.85 33.70 21.44
CA LEU A 203 27.21 32.72 22.45
C LEU A 203 27.77 31.44 21.83
N PHE A 204 27.13 30.95 20.77
CA PHE A 204 27.51 29.70 20.14
C PHE A 204 27.78 29.85 18.64
N PRO A 205 28.90 30.50 18.25
CA PRO A 205 29.08 30.80 16.83
C PRO A 205 29.71 29.65 16.01
N GLY A 206 28.91 28.65 15.66
CA GLY A 206 29.40 27.49 14.91
C GLY A 206 29.32 27.67 13.41
N ASP A 207 30.11 26.89 12.67
CA ASP A 207 30.12 26.95 11.19
C ASP A 207 29.63 25.67 10.49
N SER A 208 29.19 24.70 11.30
CA SER A 208 28.45 23.53 10.84
C SER A 208 27.53 23.05 11.97
N GLU A 209 26.67 22.10 11.64
CA GLU A 209 25.74 21.54 12.62
C GLU A 209 26.47 20.73 13.71
N ILE A 210 27.52 20.02 13.33
CA ILE A 210 28.25 19.22 14.29
C ILE A 210 29.07 20.11 15.20
N ASP A 211 29.56 21.22 14.64
CA ASP A 211 30.37 22.17 15.38
C ASP A 211 29.49 22.91 16.37
N GLN A 212 28.23 23.10 16.03
CA GLN A 212 27.28 23.82 16.88
C GLN A 212 27.03 23.01 18.15
N LEU A 213 26.72 21.72 17.98
CA LEU A 213 26.46 20.85 19.12
C LEU A 213 27.61 20.86 20.12
N PHE A 214 28.82 20.66 19.61
CA PHE A 214 30.01 20.50 20.43
C PHE A 214 30.30 21.78 21.21
N ARG A 215 30.08 22.91 20.54
CA ARG A 215 30.24 24.20 21.18
C ARG A 215 29.28 24.31 22.38
N ILE A 216 28.07 23.80 22.19
CA ILE A 216 27.08 23.79 23.27
C ILE A 216 27.47 22.79 24.35
N PHE A 217 28.03 21.65 23.96
CA PHE A 217 28.38 20.64 24.95
C PHE A 217 29.54 21.09 25.83
N ARG A 218 30.42 21.95 25.31
CA ARG A 218 31.53 22.48 26.10
C ARG A 218 31.04 23.55 27.07
N THR A 219 30.14 24.42 26.60
CA THR A 219 29.52 25.44 27.43
C THR A 219 28.60 24.85 28.51
N LEU A 220 27.81 23.83 28.15
CA LEU A 220 26.74 23.33 29.04
C LEU A 220 26.90 21.87 29.44
N GLY A 221 28.01 21.24 29.08
CA GLY A 221 28.22 19.82 29.31
C GLY A 221 27.47 18.99 28.28
N THR A 222 27.93 17.77 28.02
CA THR A 222 27.18 16.92 27.10
C THR A 222 25.99 16.35 27.84
N PRO A 223 24.78 16.48 27.26
CA PRO A 223 23.58 15.95 27.89
C PRO A 223 23.62 14.43 27.97
N ASP A 224 23.07 13.89 29.05
CA ASP A 224 22.95 12.44 29.25
C ASP A 224 21.53 12.09 29.68
N GLU A 225 21.25 10.81 29.86
CA GLU A 225 19.90 10.36 30.21
C GLU A 225 19.35 11.00 31.50
N VAL A 226 20.24 11.26 32.46
CA VAL A 226 19.82 11.82 33.74
C VAL A 226 19.40 13.29 33.61
N VAL A 227 20.15 14.09 32.85
CA VAL A 227 19.75 15.50 32.61
C VAL A 227 18.68 15.64 31.54
N TRP A 228 18.56 14.65 30.67
CA TRP A 228 17.62 14.74 29.57
C TRP A 228 17.21 13.33 29.13
N PRO A 229 16.23 12.73 29.82
CA PRO A 229 15.75 11.42 29.39
C PRO A 229 15.34 11.42 27.91
N GLY A 230 15.71 10.36 27.21
CA GLY A 230 15.39 10.23 25.78
C GLY A 230 16.52 10.69 24.87
N VAL A 231 17.49 11.39 25.46
CA VAL A 231 18.56 12.06 24.71
C VAL A 231 19.42 11.12 23.85
N THR A 232 19.81 9.97 24.38
CA THR A 232 20.69 9.07 23.63
C THR A 232 19.98 8.22 22.59
N SER A 233 18.67 8.39 22.47
CA SER A 233 17.86 7.61 21.51
C SER A 233 17.31 8.50 20.41
N MET A 234 17.69 9.78 20.43
CA MET A 234 17.24 10.75 19.43
C MET A 234 17.98 10.58 18.10
N PRO A 235 17.25 10.73 16.97
CA PRO A 235 17.72 10.22 15.66
C PRO A 235 19.15 10.58 15.26
N ASP A 236 19.63 11.76 15.66
CA ASP A 236 20.98 12.19 15.28
C ASP A 236 21.94 12.29 16.46
N TYR A 237 21.62 11.66 17.58
CA TYR A 237 22.58 11.50 18.66
C TYR A 237 23.51 10.38 18.29
N LYS A 238 24.81 10.58 18.47
CA LYS A 238 25.79 9.52 18.22
C LYS A 238 26.47 9.13 19.53
N PRO A 239 26.64 7.82 19.77
CA PRO A 239 27.32 7.36 20.98
C PRO A 239 28.79 7.82 21.02
N SER A 240 29.31 8.23 19.86
CA SER A 240 30.69 8.69 19.70
C SER A 240 30.95 10.09 20.26
N PHE A 241 29.88 10.89 20.42
CA PHE A 241 29.97 12.24 21.00
C PHE A 241 30.91 12.30 22.21
N PRO A 242 31.85 13.26 22.22
CA PRO A 242 32.67 13.42 23.41
C PRO A 242 31.82 13.90 24.57
N LYS A 243 32.03 13.30 25.74
CA LYS A 243 31.26 13.64 26.93
C LYS A 243 31.98 14.71 27.74
N TRP A 244 31.69 15.97 27.44
CA TRP A 244 32.28 17.08 28.19
C TRP A 244 31.59 17.30 29.52
N ALA A 245 32.40 17.48 30.55
CA ALA A 245 31.92 17.88 31.86
C ALA A 245 31.17 19.20 31.72
N ARG A 246 30.17 19.39 32.58
CA ARG A 246 29.45 20.66 32.64
C ARG A 246 30.27 21.64 33.45
N GLN A 247 30.56 22.79 32.87
CA GLN A 247 31.32 23.83 33.57
C GLN A 247 30.40 24.58 34.54
N ASP A 248 31.01 25.27 35.48
CA ASP A 248 30.32 26.21 36.36
C ASP A 248 29.55 27.18 35.48
N PHE A 249 28.25 27.32 35.74
CA PHE A 249 27.39 28.15 34.91
C PHE A 249 27.70 29.64 34.97
N SER A 250 28.25 30.10 36.08
CA SER A 250 28.68 31.48 36.19
C SER A 250 29.70 31.81 35.09
N LYS A 251 30.36 30.79 34.56
CA LYS A 251 31.41 31.02 33.58
C LYS A 251 30.90 31.18 32.14
N VAL A 252 29.64 30.78 31.91
CA VAL A 252 29.00 30.90 30.61
C VAL A 252 28.92 32.38 30.19
N VAL A 253 28.23 33.20 30.98
CA VAL A 253 28.28 34.66 30.85
C VAL A 253 28.71 35.33 32.16
N PRO A 254 30.04 35.45 32.36
CA PRO A 254 30.62 36.02 33.59
C PRO A 254 29.95 37.28 34.19
N PRO A 255 29.58 38.29 33.36
CA PRO A 255 29.03 39.54 33.92
C PRO A 255 27.62 39.45 34.54
N LEU A 256 26.87 38.38 34.26
CA LEU A 256 25.54 38.18 34.85
C LEU A 256 25.58 38.02 36.38
N ASP A 257 24.61 38.63 37.06
CA ASP A 257 24.45 38.45 38.52
C ASP A 257 23.67 37.15 38.81
N GLU A 258 23.42 36.91 40.10
CA GLU A 258 22.72 35.70 40.56
C GLU A 258 21.35 35.47 39.88
N ASP A 259 20.55 36.53 39.77
CA ASP A 259 19.23 36.50 39.14
C ASP A 259 19.31 36.25 37.64
N GLY A 260 20.20 36.97 36.96
CA GLY A 260 20.46 36.75 35.53
C GLY A 260 20.94 35.35 35.21
N ARG A 261 21.90 34.85 36.00
CA ARG A 261 22.43 33.48 35.88
C ARG A 261 21.30 32.48 35.95
N SER A 262 20.53 32.58 37.02
CA SER A 262 19.37 31.74 37.25
C SER A 262 18.46 31.71 36.02
N LEU A 263 18.11 32.89 35.51
CA LEU A 263 17.15 32.97 34.42
C LEU A 263 17.70 32.42 33.11
N LEU A 264 18.92 32.79 32.76
CA LEU A 264 19.55 32.26 31.56
C LEU A 264 19.65 30.73 31.60
N SER A 265 20.07 30.19 32.75
CA SER A 265 20.22 28.74 32.92
C SER A 265 18.93 27.99 32.65
N GLN A 266 17.82 28.55 33.13
CA GLN A 266 16.51 27.97 32.92
C GLN A 266 16.07 28.08 31.45
N MET A 267 16.60 29.08 30.75
CA MET A 267 16.35 29.25 29.33
C MET A 267 17.20 28.29 28.50
N LEU A 268 18.45 28.07 28.90
CA LEU A 268 19.31 27.15 28.18
C LEU A 268 19.27 25.73 28.74
N HIS A 269 18.18 25.42 29.44
CA HIS A 269 17.94 24.08 29.97
C HIS A 269 17.86 23.09 28.80
N TYR A 270 18.41 21.89 28.97
CA TYR A 270 18.54 20.95 27.84
C TYR A 270 17.22 20.28 27.45
N ASP A 271 16.48 19.79 28.44
CA ASP A 271 15.19 19.13 28.21
C ASP A 271 14.15 20.20 27.88
N PRO A 272 13.55 20.13 26.68
CA PRO A 272 12.56 21.13 26.26
C PRO A 272 11.28 21.17 27.12
N ASN A 273 10.98 20.10 27.84
CA ASN A 273 9.84 20.11 28.77
C ASN A 273 10.10 20.93 30.01
N LYS A 274 11.37 21.01 30.41
CA LYS A 274 11.75 21.69 31.63
C LYS A 274 12.33 23.08 31.37
N ARG A 275 12.54 23.43 30.11
CA ARG A 275 12.94 24.77 29.74
C ARG A 275 11.85 25.77 30.14
N ILE A 276 12.24 26.92 30.63
CA ILE A 276 11.28 27.87 31.15
C ILE A 276 10.44 28.41 30.01
N SER A 277 9.15 28.59 30.25
CA SER A 277 8.30 29.22 29.26
C SER A 277 8.51 30.73 29.35
N ALA A 278 8.17 31.44 28.27
CA ALA A 278 8.15 32.90 28.26
C ALA A 278 7.19 33.40 29.34
N LYS A 279 6.12 32.62 29.53
CA LYS A 279 5.08 32.96 30.48
C LYS A 279 5.68 33.10 31.88
N ALA A 280 6.19 31.99 32.41
CA ALA A 280 6.75 31.92 33.77
C ALA A 280 7.90 32.90 33.98
N ALA A 281 8.75 33.02 32.96
CA ALA A 281 9.94 33.87 32.97
C ALA A 281 9.65 35.31 33.33
N LEU A 282 8.42 35.74 33.12
CA LEU A 282 8.03 37.11 33.46
C LEU A 282 7.94 37.31 34.98
N ALA A 283 7.82 36.21 35.72
CA ALA A 283 7.73 36.24 37.18
C ALA A 283 9.08 36.02 37.86
N HIS A 284 10.15 36.01 37.08
CA HIS A 284 11.50 35.80 37.62
C HIS A 284 12.07 37.05 38.28
N PRO A 285 12.69 36.90 39.47
CA PRO A 285 13.29 38.01 40.24
C PRO A 285 14.16 38.99 39.43
N PHE A 286 14.85 38.49 38.42
CA PHE A 286 15.65 39.33 37.49
C PHE A 286 14.93 40.61 37.06
N PHE A 287 13.59 40.56 37.02
CA PHE A 287 12.77 41.65 36.50
C PHE A 287 12.12 42.51 37.60
N GLN A 288 12.62 42.36 38.82
CA GLN A 288 12.09 43.06 39.98
C GLN A 288 12.22 44.59 39.86
N ASP A 289 13.30 45.04 39.23
CA ASP A 289 13.54 46.48 39.07
C ASP A 289 13.42 46.97 37.62
N VAL A 290 12.82 46.15 36.75
CA VAL A 290 12.72 46.45 35.32
C VAL A 290 12.17 47.86 35.08
N THR A 291 12.88 48.63 34.26
CA THR A 291 12.50 50.00 33.89
C THR A 291 12.42 50.06 32.38
N LYS A 292 12.15 51.24 31.82
CA LYS A 292 12.13 51.40 30.37
C LYS A 292 13.01 52.55 29.89
N PRO A 293 14.35 52.34 29.90
CA PRO A 293 15.32 53.36 29.48
C PRO A 293 15.29 53.65 27.98
N VAL A 294 15.78 54.84 27.62
CA VAL A 294 15.97 55.24 26.23
C VAL A 294 17.40 54.84 25.82
N PRO A 295 17.56 54.11 24.69
CA PRO A 295 18.90 53.84 24.19
C PRO A 295 19.51 55.08 23.52
N HIS A 296 20.82 55.25 23.62
CA HIS A 296 21.48 56.33 22.89
C HIS A 296 21.77 55.92 21.44
N LEU A 297 21.32 56.75 20.50
CA LEU A 297 21.45 56.46 19.06
C LEU A 297 22.11 57.62 18.32
N VAL B 1 3.76 19.44 27.48
CA VAL B 1 3.52 20.31 28.67
C VAL B 1 2.21 21.11 28.53
N PRO B 2 1.31 21.03 29.53
CA PRO B 2 0.11 21.86 29.56
C PRO B 2 0.39 23.35 29.36
N ASP B 3 1.58 23.81 29.75
CA ASP B 3 1.98 25.23 29.75
C ASP B 3 1.09 26.25 29.04
N TYR B 4 0.97 26.13 27.72
CA TYR B 4 0.15 27.05 26.90
C TYR B 4 -1.14 26.44 26.38
N HIS B 5 -1.43 25.20 26.80
CA HIS B 5 -2.63 24.46 26.37
C HIS B 5 -3.96 25.22 26.52
N GLU B 6 -4.25 25.68 27.72
CA GLU B 6 -5.50 26.39 28.03
C GLU B 6 -5.62 27.75 27.28
N ASP B 7 -4.52 28.50 27.24
CA ASP B 7 -4.49 29.75 26.49
C ASP B 7 -4.92 29.56 25.05
N ILE B 8 -4.33 28.56 24.40
CA ILE B 8 -4.61 28.24 22.99
C ILE B 8 -6.03 27.77 22.81
N HIS B 9 -6.50 26.95 23.73
CA HIS B 9 -7.89 26.51 23.70
C HIS B 9 -8.85 27.70 23.71
N THR B 10 -8.62 28.65 24.61
CA THR B 10 -9.45 29.86 24.67
C THR B 10 -9.36 30.66 23.36
N TYR B 11 -8.14 30.96 22.91
CA TYR B 11 -7.95 31.69 21.68
C TYR B 11 -8.59 30.98 20.46
N LEU B 12 -8.44 29.66 20.36
CA LEU B 12 -9.12 28.92 19.32
C LEU B 12 -10.64 29.11 19.44
N ARG B 13 -11.17 28.89 20.65
CA ARG B 13 -12.60 29.06 20.94
C ARG B 13 -13.12 30.47 20.67
N GLU B 14 -12.24 31.46 20.78
CA GLU B 14 -12.55 32.82 20.36
C GLU B 14 -12.52 32.94 18.83
N MET B 15 -11.45 32.42 18.20
CA MET B 15 -11.24 32.56 16.74
C MET B 15 -12.21 31.74 15.90
N GLU B 16 -12.66 30.60 16.41
CA GLU B 16 -13.61 29.75 15.68
C GLU B 16 -14.95 30.43 15.42
N VAL B 17 -15.31 31.39 16.28
CA VAL B 17 -16.51 32.19 16.08
C VAL B 17 -16.31 33.14 14.90
N LYS B 18 -15.24 33.94 14.96
CA LYS B 18 -14.90 34.89 13.88
C LYS B 18 -14.65 34.20 12.53
N CYS B 19 -14.14 32.97 12.56
CA CYS B 19 -13.84 32.23 11.31
C CYS B 19 -15.00 31.43 10.72
N LYS B 20 -16.22 31.79 11.10
CA LYS B 20 -17.39 31.03 10.71
C LYS B 20 -17.99 31.55 9.40
N PRO B 21 -18.32 30.63 8.48
CA PRO B 21 -19.19 30.94 7.34
C PRO B 21 -20.56 31.40 7.82
N LYS B 22 -21.43 31.76 6.88
CA LYS B 22 -22.82 32.05 7.22
C LYS B 22 -23.66 30.77 7.17
N VAL B 23 -24.57 30.63 8.13
CA VAL B 23 -25.38 29.42 8.33
C VAL B 23 -26.05 28.87 7.05
N GLY B 24 -26.72 29.76 6.31
CA GLY B 24 -27.35 29.37 5.06
C GLY B 24 -26.96 30.29 3.92
N TYR B 25 -25.68 30.26 3.54
CA TYR B 25 -25.21 31.03 2.38
C TYR B 25 -25.69 30.37 1.10
N MET B 26 -25.84 29.05 1.15
CA MET B 26 -26.29 28.26 0.01
C MET B 26 -27.69 28.66 -0.47
N LYS B 27 -28.46 29.29 0.42
CA LYS B 27 -29.75 29.88 0.07
C LYS B 27 -29.62 30.88 -1.09
N LYS B 28 -28.60 31.73 -1.01
CA LYS B 28 -28.48 32.88 -1.91
C LYS B 28 -27.59 32.64 -3.13
N GLN B 29 -26.96 31.47 -3.20
CA GLN B 29 -26.21 31.05 -4.39
C GLN B 29 -27.15 30.68 -5.53
N PRO B 30 -27.07 31.41 -6.65
CA PRO B 30 -28.03 31.29 -7.76
C PRO B 30 -27.80 30.10 -8.70
N ASP B 31 -26.69 29.38 -8.54
CA ASP B 31 -26.41 28.25 -9.44
C ASP B 31 -25.86 26.98 -8.78
N ILE B 32 -25.38 27.09 -7.54
CA ILE B 32 -24.80 25.94 -6.84
C ILE B 32 -25.64 25.48 -5.65
N THR B 33 -25.51 24.20 -5.31
CA THR B 33 -26.30 23.60 -4.24
C THR B 33 -25.41 22.87 -3.26
N ASN B 34 -25.97 22.46 -2.14
CA ASN B 34 -25.28 21.60 -1.18
C ASN B 34 -24.75 20.33 -1.85
N SER B 35 -25.61 19.65 -2.59
CA SER B 35 -25.26 18.41 -3.27
C SER B 35 -23.99 18.53 -4.12
N MET B 36 -23.83 19.69 -4.77
CA MET B 36 -22.62 20.00 -5.54
C MET B 36 -21.43 20.19 -4.61
N ARG B 37 -21.65 20.95 -3.53
CA ARG B 37 -20.61 21.20 -2.55
C ARG B 37 -20.05 19.88 -2.03
N ALA B 38 -20.97 18.95 -1.80
CA ALA B 38 -20.62 17.63 -1.29
C ALA B 38 -19.81 16.84 -2.32
N ILE B 39 -20.08 17.08 -3.61
CA ILE B 39 -19.29 16.42 -4.65
C ILE B 39 -17.86 16.98 -4.70
N LEU B 40 -17.69 18.27 -4.39
CA LEU B 40 -16.37 18.93 -4.36
C LEU B 40 -15.51 18.46 -3.20
N VAL B 41 -16.08 18.41 -2.01
CA VAL B 41 -15.33 18.06 -0.80
C VAL B 41 -14.91 16.59 -0.83
N ASP B 42 -15.79 15.74 -1.37
CA ASP B 42 -15.47 14.31 -1.55
C ASP B 42 -14.26 14.11 -2.43
N TRP B 43 -14.21 14.88 -3.51
CA TRP B 43 -13.10 14.85 -4.44
C TRP B 43 -11.82 15.38 -3.80
N LEU B 44 -11.93 16.45 -3.01
CA LEU B 44 -10.79 16.99 -2.29
C LEU B 44 -10.20 15.99 -1.31
N VAL B 45 -11.04 15.09 -0.79
CA VAL B 45 -10.55 13.98 0.04
C VAL B 45 -9.60 13.09 -0.77
N GLU B 46 -10.03 12.72 -1.99
CA GLU B 46 -9.18 11.94 -2.88
C GLU B 46 -7.88 12.70 -3.15
N VAL B 47 -8.00 14.01 -3.35
CA VAL B 47 -6.84 14.86 -3.63
C VAL B 47 -5.81 14.76 -2.50
N GLY B 48 -6.29 14.75 -1.26
CA GLY B 48 -5.42 14.61 -0.09
C GLY B 48 -4.78 13.25 0.07
N GLU B 49 -5.49 12.21 -0.39
CA GLU B 49 -4.94 10.85 -0.40
C GLU B 49 -3.81 10.70 -1.39
N GLU B 50 -4.04 11.21 -2.59
CA GLU B 50 -3.09 11.07 -3.71
C GLU B 50 -1.79 11.81 -3.42
N TYR B 51 -1.83 12.74 -2.47
CA TYR B 51 -0.68 13.59 -2.15
C TYR B 51 -0.21 13.43 -0.70
N LYS B 52 -0.94 12.62 0.07
CA LYS B 52 -0.59 12.32 1.47
C LYS B 52 -0.58 13.59 2.33
N LEU B 53 -1.58 14.42 2.09
CA LEU B 53 -1.77 15.65 2.83
C LEU B 53 -2.39 15.38 4.20
N GLN B 54 -2.13 16.28 5.15
CA GLN B 54 -2.64 16.13 6.51
C GLN B 54 -4.14 16.27 6.45
N ASN B 55 -4.84 15.60 7.35
CA ASN B 55 -6.29 15.80 7.46
C ASN B 55 -6.64 17.28 7.73
N GLU B 56 -5.70 18.00 8.35
CA GLU B 56 -5.88 19.41 8.75
C GLU B 56 -6.00 20.31 7.52
N THR B 57 -5.17 20.04 6.52
CA THR B 57 -5.17 20.72 5.22
C THR B 57 -6.53 20.54 4.51
N LEU B 58 -7.09 19.35 4.60
CA LEU B 58 -8.41 19.10 4.10
C LEU B 58 -9.37 20.05 4.81
N HIS B 59 -9.39 20.00 6.14
CA HIS B 59 -10.33 20.79 6.96
C HIS B 59 -10.22 22.28 6.68
N LEU B 60 -8.97 22.76 6.59
CA LEU B 60 -8.71 24.15 6.27
C LEU B 60 -9.35 24.58 4.93
N ALA B 61 -9.12 23.79 3.89
CA ALA B 61 -9.63 24.08 2.55
C ALA B 61 -11.16 24.24 2.52
N VAL B 62 -11.86 23.34 3.21
CA VAL B 62 -13.32 23.34 3.25
C VAL B 62 -13.79 24.65 3.87
N ASN B 63 -13.10 25.04 4.95
CA ASN B 63 -13.31 26.33 5.62
C ASN B 63 -13.11 27.51 4.68
N TYR B 64 -12.06 27.46 3.84
CA TYR B 64 -11.80 28.53 2.88
C TYR B 64 -12.91 28.60 1.83
N ILE B 65 -13.33 27.42 1.34
CA ILE B 65 -14.40 27.32 0.34
C ILE B 65 -15.70 27.90 0.92
N ASP B 66 -16.07 27.42 2.12
CA ASP B 66 -17.30 27.89 2.75
C ASP B 66 -17.31 29.40 3.01
N ARG B 67 -16.17 29.94 3.44
CA ARG B 67 -16.09 31.39 3.65
C ARG B 67 -16.12 32.17 2.33
N PHE B 68 -15.49 31.62 1.30
CA PHE B 68 -15.48 32.26 -0.01
C PHE B 68 -16.88 32.29 -0.63
N LEU B 69 -17.62 31.18 -0.52
CA LEU B 69 -18.96 31.07 -1.10
C LEU B 69 -20.01 31.84 -0.28
N SER B 70 -19.64 32.27 0.92
CA SER B 70 -20.52 33.06 1.78
C SER B 70 -20.65 34.51 1.33
N SER B 71 -19.67 34.97 0.56
CA SER B 71 -19.59 36.37 0.14
C SER B 71 -19.48 36.54 -1.37
N MET B 72 -19.04 35.47 -2.05
CA MET B 72 -18.91 35.49 -3.50
C MET B 72 -19.88 34.50 -4.11
N SER B 73 -20.57 34.95 -5.14
CA SER B 73 -21.52 34.15 -5.88
C SER B 73 -20.76 33.43 -6.99
N VAL B 74 -21.01 32.13 -7.16
CA VAL B 74 -20.21 31.31 -8.07
C VAL B 74 -21.06 30.39 -8.95
N LEU B 75 -20.84 30.44 -10.26
CA LEU B 75 -21.40 29.47 -11.20
C LEU B 75 -20.85 28.07 -10.87
N ARG B 76 -21.47 27.02 -11.40
CA ARG B 76 -20.99 25.68 -11.09
C ARG B 76 -19.68 25.38 -11.83
N GLY B 77 -19.55 25.92 -13.04
CA GLY B 77 -18.40 25.68 -13.90
C GLY B 77 -17.08 26.19 -13.33
N LYS B 78 -17.17 27.02 -12.30
CA LYS B 78 -15.98 27.57 -11.67
C LYS B 78 -15.80 27.09 -10.22
N LEU B 79 -16.73 26.26 -9.75
CA LEU B 79 -16.69 25.71 -8.39
C LEU B 79 -15.46 24.82 -8.10
N GLN B 80 -15.00 24.09 -9.11
CA GLN B 80 -13.81 23.25 -9.00
C GLN B 80 -12.54 24.10 -8.88
N LEU B 81 -12.55 25.28 -9.52
CA LEU B 81 -11.41 26.17 -9.49
C LEU B 81 -11.21 26.75 -8.09
N VAL B 82 -12.31 27.22 -7.49
CA VAL B 82 -12.31 27.72 -6.12
C VAL B 82 -11.90 26.60 -5.17
N GLY B 83 -12.36 25.38 -5.46
CA GLY B 83 -11.99 24.20 -4.66
C GLY B 83 -10.50 23.91 -4.72
N THR B 84 -9.93 24.09 -5.91
CA THR B 84 -8.54 23.82 -6.17
C THR B 84 -7.64 24.87 -5.51
N ALA B 85 -7.94 26.14 -5.78
CA ALA B 85 -7.23 27.27 -5.17
C ALA B 85 -7.19 27.14 -3.66
N ALA B 86 -8.31 26.72 -3.09
CA ALA B 86 -8.46 26.47 -1.65
C ALA B 86 -7.47 25.42 -1.19
N MET B 87 -7.46 24.28 -1.89
CA MET B 87 -6.56 23.22 -1.55
C MET B 87 -5.12 23.68 -1.61
N LEU B 88 -4.79 24.53 -2.58
CA LEU B 88 -3.43 25.00 -2.78
C LEU B 88 -3.02 25.93 -1.64
N LEU B 89 -3.92 26.84 -1.28
CA LEU B 89 -3.68 27.78 -0.20
C LEU B 89 -3.51 27.06 1.11
N ALA B 90 -4.38 26.09 1.34
CA ALA B 90 -4.30 25.25 2.53
C ALA B 90 -2.98 24.50 2.55
N SER B 91 -2.57 23.97 1.40
CA SER B 91 -1.32 23.22 1.33
C SER B 91 -0.13 24.09 1.71
N LYS B 92 -0.08 25.29 1.15
CA LYS B 92 1.00 26.26 1.44
C LYS B 92 1.07 26.69 2.92
N PHE B 93 -0.07 26.70 3.58
CA PHE B 93 -0.14 27.08 4.98
C PHE B 93 0.41 25.97 5.90
N GLU B 94 -0.03 24.76 5.62
CA GLU B 94 -0.04 23.69 6.61
C GLU B 94 1.02 22.63 6.42
N GLU B 95 1.38 22.38 5.16
CA GLU B 95 2.25 21.28 4.81
C GLU B 95 3.71 21.73 4.88
N ILE B 96 4.61 20.78 5.09
CA ILE B 96 6.04 21.04 5.00
C ILE B 96 6.37 21.09 3.53
N TYR B 97 5.90 20.08 2.79
CA TYR B 97 6.10 20.01 1.34
C TYR B 97 4.78 20.05 0.60
N PRO B 98 4.33 21.28 0.23
CA PRO B 98 3.13 21.41 -0.58
C PRO B 98 3.46 20.94 -1.99
N PRO B 99 2.48 20.36 -2.69
CA PRO B 99 2.75 19.99 -4.08
C PRO B 99 2.77 21.24 -4.95
N GLU B 100 3.36 21.16 -6.13
CA GLU B 100 3.49 22.34 -6.99
C GLU B 100 2.16 22.60 -7.68
N VAL B 101 2.02 23.78 -8.27
CA VAL B 101 0.78 24.22 -8.91
C VAL B 101 0.42 23.30 -10.08
N ALA B 102 1.42 22.82 -10.81
CA ALA B 102 1.19 21.92 -11.94
C ALA B 102 0.38 20.70 -11.52
N GLU B 103 0.59 20.26 -10.28
CA GLU B 103 -0.15 19.13 -9.74
C GLU B 103 -1.62 19.48 -9.54
N PHE B 104 -1.87 20.69 -9.05
CA PHE B 104 -3.24 21.21 -8.89
C PHE B 104 -3.94 21.52 -10.21
N VAL B 105 -3.16 21.83 -11.25
CA VAL B 105 -3.70 21.91 -12.60
C VAL B 105 -4.04 20.49 -13.08
N TYR B 106 -3.09 19.57 -12.92
CA TYR B 106 -3.26 18.16 -13.35
C TYR B 106 -4.53 17.49 -12.81
N ILE B 107 -4.70 17.47 -11.49
CA ILE B 107 -5.82 16.75 -10.85
C ILE B 107 -7.22 17.22 -11.26
N THR B 108 -7.29 18.34 -11.98
CA THR B 108 -8.54 18.84 -12.53
C THR B 108 -8.68 18.55 -14.02
N ASP B 109 -7.95 17.55 -14.52
CA ASP B 109 -8.04 17.13 -15.93
C ASP B 109 -7.88 18.33 -16.86
N ASP B 110 -7.01 19.27 -16.48
CA ASP B 110 -6.78 20.52 -17.20
C ASP B 110 -8.04 21.34 -17.49
N THR B 111 -9.00 21.29 -16.58
CA THR B 111 -10.22 22.08 -16.74
C THR B 111 -9.87 23.56 -16.75
N TYR B 112 -8.94 23.96 -15.89
CA TYR B 112 -8.45 25.33 -15.84
C TYR B 112 -6.93 25.37 -16.07
N THR B 113 -6.44 26.50 -16.56
CA THR B 113 -5.01 26.69 -16.78
C THR B 113 -4.30 27.00 -15.46
N LYS B 114 -2.98 27.14 -15.54
CA LYS B 114 -2.16 27.49 -14.40
C LYS B 114 -2.41 28.93 -13.95
N LYS B 115 -2.69 29.80 -14.93
CA LYS B 115 -3.00 31.20 -14.66
C LYS B 115 -4.33 31.34 -13.90
N GLN B 116 -5.34 30.61 -14.35
CA GLN B 116 -6.65 30.56 -13.70
C GLN B 116 -6.57 30.15 -12.24
N VAL B 117 -5.76 29.13 -11.95
CA VAL B 117 -5.52 28.63 -10.60
C VAL B 117 -4.79 29.71 -9.78
N LEU B 118 -3.84 30.38 -10.42
CA LEU B 118 -3.08 31.45 -9.77
C LEU B 118 -3.90 32.71 -9.52
N ARG B 119 -4.61 33.17 -10.57
CA ARG B 119 -5.49 34.33 -10.46
C ARG B 119 -6.61 34.10 -9.44
N MET B 120 -7.10 32.85 -9.37
CA MET B 120 -8.09 32.44 -8.37
C MET B 120 -7.55 32.47 -6.94
N GLU B 121 -6.29 32.04 -6.76
CA GLU B 121 -5.64 32.10 -5.47
C GLU B 121 -5.66 33.53 -4.91
N HIS B 122 -5.35 34.53 -5.74
CA HIS B 122 -5.40 35.95 -5.36
C HIS B 122 -6.81 36.42 -4.98
N LEU B 123 -7.82 35.94 -5.68
CA LEU B 123 -9.20 36.27 -5.37
C LEU B 123 -9.57 35.72 -3.98
N VAL B 124 -9.40 34.41 -3.81
CA VAL B 124 -9.62 33.74 -2.53
C VAL B 124 -8.88 34.47 -1.41
N LEU B 125 -7.62 34.80 -1.66
CA LEU B 125 -6.83 35.52 -0.68
C LEU B 125 -7.44 36.87 -0.34
N LYS B 126 -7.86 37.61 -1.37
CA LYS B 126 -8.45 38.94 -1.19
C LYS B 126 -9.76 38.85 -0.40
N VAL B 127 -10.58 37.86 -0.74
CA VAL B 127 -11.90 37.70 -0.12
C VAL B 127 -11.83 37.23 1.33
N LEU B 128 -10.87 36.36 1.64
CA LEU B 128 -10.63 35.92 3.01
C LEU B 128 -9.75 36.91 3.81
N THR B 129 -9.48 38.09 3.24
CA THR B 129 -8.60 39.11 3.82
C THR B 129 -7.25 38.61 4.37
N PHE B 130 -6.84 37.41 3.96
CA PHE B 130 -5.59 36.75 4.40
C PHE B 130 -5.71 36.09 5.77
N ASP B 131 -6.94 35.93 6.25
CA ASP B 131 -7.18 35.26 7.51
C ASP B 131 -7.32 33.77 7.22
N LEU B 132 -6.20 33.07 7.28
CA LEU B 132 -6.17 31.67 6.90
C LEU B 132 -5.91 30.75 8.08
N ALA B 133 -5.64 31.32 9.24
CA ALA B 133 -5.34 30.52 10.43
C ALA B 133 -6.63 30.16 11.18
N ALA B 134 -7.52 29.47 10.46
CA ALA B 134 -8.81 29.08 11.00
C ALA B 134 -8.75 27.81 11.87
N PRO B 135 -9.34 27.87 13.08
CA PRO B 135 -9.60 26.68 13.89
C PRO B 135 -10.41 25.65 13.09
N THR B 136 -10.14 24.38 13.35
CA THR B 136 -10.81 23.29 12.66
C THR B 136 -11.23 22.19 13.63
N VAL B 137 -12.14 21.33 13.18
CA VAL B 137 -12.54 20.14 13.91
C VAL B 137 -11.31 19.37 14.37
N ASN B 138 -10.32 19.26 13.49
CA ASN B 138 -9.10 18.51 13.75
C ASN B 138 -8.28 19.12 14.89
N GLN B 139 -8.01 20.42 14.81
CA GLN B 139 -7.31 21.12 15.90
C GLN B 139 -7.96 20.83 17.26
N PHE B 140 -9.27 20.68 17.27
CA PHE B 140 -9.97 20.41 18.52
C PHE B 140 -9.90 18.94 18.95
N LEU B 141 -10.10 18.02 18.00
CA LEU B 141 -10.03 16.58 18.28
C LEU B 141 -8.69 16.26 18.92
N THR B 142 -7.64 16.62 18.20
CA THR B 142 -6.25 16.58 18.67
C THR B 142 -6.11 16.93 20.17
N GLN B 143 -6.74 18.02 20.58
CA GLN B 143 -6.71 18.46 21.97
C GLN B 143 -7.53 17.53 22.86
N TYR B 144 -8.76 17.24 22.44
CA TYR B 144 -9.63 16.30 23.12
C TYR B 144 -8.93 14.94 23.31
N PHE B 145 -8.20 14.46 22.28
CA PHE B 145 -7.49 13.19 22.38
C PHE B 145 -6.57 13.06 23.60
N LEU B 146 -6.03 14.17 24.07
CA LEU B 146 -5.16 14.14 25.24
C LEU B 146 -5.88 13.75 26.53
N HIS B 147 -7.21 13.66 26.48
CA HIS B 147 -7.99 13.34 27.68
C HIS B 147 -8.46 11.88 27.75
N GLN B 148 -7.96 11.05 26.84
CA GLN B 148 -8.31 9.63 26.76
C GLN B 148 -7.86 8.85 27.99
N GLN B 149 -8.65 7.85 28.37
CA GLN B 149 -8.39 7.09 29.60
C GLN B 149 -8.31 5.57 29.42
N PRO B 150 -7.20 5.06 28.84
CA PRO B 150 -6.04 5.76 28.30
C PRO B 150 -6.10 5.92 26.75
N ALA B 151 -4.96 6.28 26.15
CA ALA B 151 -4.85 6.43 24.69
C ALA B 151 -5.28 5.18 23.92
N ASN B 152 -6.13 5.37 22.93
CA ASN B 152 -6.64 4.29 22.10
C ASN B 152 -6.79 4.84 20.71
N CYS B 153 -5.97 4.33 19.79
CA CYS B 153 -5.91 4.93 18.46
C CYS B 153 -7.12 4.62 17.61
N LYS B 154 -7.86 3.56 17.96
CA LYS B 154 -9.11 3.24 17.30
C LYS B 154 -10.14 4.34 17.56
N VAL B 155 -10.10 4.89 18.78
CA VAL B 155 -10.99 5.97 19.17
C VAL B 155 -10.62 7.23 18.40
N GLU B 156 -9.32 7.48 18.28
CA GLU B 156 -8.81 8.67 17.59
C GLU B 156 -9.19 8.63 16.11
N SER B 157 -8.76 7.58 15.42
CA SER B 157 -9.07 7.38 14.00
C SER B 157 -10.57 7.45 13.74
N LEU B 158 -11.38 6.83 14.60
CA LEU B 158 -12.83 6.90 14.42
C LEU B 158 -13.35 8.33 14.54
N ALA B 159 -12.88 9.07 15.56
CA ALA B 159 -13.31 10.46 15.75
C ALA B 159 -12.92 11.35 14.55
N MET B 160 -11.69 11.18 14.08
CA MET B 160 -11.22 11.80 12.85
C MET B 160 -12.17 11.42 11.70
N PHE B 161 -12.50 10.13 11.58
CA PHE B 161 -13.43 9.68 10.54
C PHE B 161 -14.77 10.40 10.68
N LEU B 162 -15.34 10.40 11.87
CA LEU B 162 -16.60 11.10 12.11
C LEU B 162 -16.47 12.58 11.78
N GLY B 163 -15.40 13.19 12.28
CA GLY B 163 -15.13 14.61 12.04
C GLY B 163 -15.00 14.95 10.55
N GLU B 164 -14.45 14.02 9.78
CA GLU B 164 -14.35 14.22 8.33
C GLU B 164 -15.71 14.10 7.62
N LEU B 165 -16.53 13.14 8.04
CA LEU B 165 -17.88 12.99 7.46
C LEU B 165 -18.68 14.30 7.48
N SER B 166 -18.43 15.12 8.51
CA SER B 166 -19.18 16.36 8.74
C SER B 166 -18.89 17.46 7.71
N LEU B 167 -17.74 17.39 7.06
CA LEU B 167 -17.38 18.37 6.04
C LEU B 167 -18.28 18.23 4.83
N ILE B 168 -18.73 17.01 4.57
CA ILE B 168 -19.51 16.74 3.38
C ILE B 168 -20.84 17.50 3.43
N ASP B 169 -21.55 17.38 4.55
CA ASP B 169 -22.92 17.83 4.62
C ASP B 169 -23.05 19.20 5.26
N ALA B 170 -23.04 20.21 4.41
CA ALA B 170 -23.28 21.59 4.80
C ALA B 170 -24.51 21.64 5.69
N ASP B 171 -25.63 21.18 5.14
CA ASP B 171 -26.80 20.88 5.95
C ASP B 171 -26.65 19.45 6.47
N PRO B 172 -26.57 19.29 7.80
CA PRO B 172 -26.74 20.28 8.87
C PRO B 172 -25.49 20.94 9.50
N TYR B 173 -24.29 20.48 9.16
CA TYR B 173 -23.14 20.77 10.04
C TYR B 173 -22.61 22.21 10.13
N LEU B 174 -22.96 23.03 9.13
CA LEU B 174 -22.68 24.46 9.16
C LEU B 174 -23.24 25.19 10.38
N LYS B 175 -24.28 24.62 11.00
CA LYS B 175 -24.91 25.21 12.20
C LYS B 175 -24.03 25.10 13.44
N TYR B 176 -23.10 24.14 13.43
CA TYR B 176 -22.29 23.86 14.61
C TYR B 176 -20.88 24.41 14.51
N LEU B 177 -20.33 24.84 15.64
CA LEU B 177 -18.94 25.25 15.70
C LEU B 177 -18.03 24.03 15.58
N PRO B 178 -16.84 24.22 14.98
CA PRO B 178 -15.85 23.15 14.94
C PRO B 178 -15.66 22.44 16.28
N SER B 179 -15.45 23.19 17.36
CA SER B 179 -15.26 22.61 18.70
C SER B 179 -16.44 21.75 19.14
N VAL B 180 -17.63 22.10 18.67
CA VAL B 180 -18.82 21.34 18.98
C VAL B 180 -18.82 20.02 18.21
N ILE B 181 -18.65 20.08 16.90
CA ILE B 181 -18.59 18.87 16.07
C ILE B 181 -17.54 17.89 16.61
N ALA B 182 -16.46 18.45 17.14
CA ALA B 182 -15.36 17.68 17.72
C ALA B 182 -15.76 17.01 19.04
N GLY B 183 -16.58 17.71 19.82
CA GLY B 183 -17.13 17.15 21.05
C GLY B 183 -17.93 15.91 20.78
N ALA B 184 -18.91 16.03 19.90
CA ALA B 184 -19.75 14.91 19.49
C ALA B 184 -18.90 13.80 18.86
N ALA B 185 -17.99 14.18 17.98
CA ALA B 185 -17.20 13.19 17.27
C ALA B 185 -16.37 12.35 18.23
N PHE B 186 -15.74 13.01 19.21
CA PHE B 186 -14.87 12.32 20.13
C PHE B 186 -15.64 11.42 21.09
N HIS B 187 -16.81 11.88 21.52
CA HIS B 187 -17.62 11.11 22.41
C HIS B 187 -18.25 9.90 21.70
N LEU B 188 -18.77 10.13 20.49
CA LEU B 188 -19.39 9.06 19.72
C LEU B 188 -18.37 7.97 19.40
N ALA B 189 -17.12 8.37 19.16
CA ALA B 189 -16.04 7.43 18.87
C ALA B 189 -15.63 6.67 20.12
N LEU B 190 -15.47 7.41 21.22
CA LEU B 190 -15.25 6.85 22.55
C LEU B 190 -16.30 5.80 22.88
N TYR B 191 -17.56 6.15 22.67
CA TYR B 191 -18.68 5.24 22.94
C TYR B 191 -18.71 4.01 22.03
N THR B 192 -18.42 4.18 20.75
CA THR B 192 -18.49 3.06 19.80
C THR B 192 -17.44 2.01 20.09
N VAL B 193 -16.25 2.47 20.48
CA VAL B 193 -15.08 1.60 20.68
C VAL B 193 -14.99 0.99 22.08
N THR B 194 -15.18 1.80 23.11
CA THR B 194 -14.95 1.37 24.49
C THR B 194 -16.23 1.28 25.30
N GLY B 195 -17.25 2.04 24.88
CA GLY B 195 -18.50 2.14 25.62
C GLY B 195 -18.47 3.31 26.59
N GLN B 196 -17.36 4.05 26.58
CA GLN B 196 -17.16 5.15 27.51
C GLN B 196 -17.88 6.41 27.08
N SER B 197 -17.84 7.43 27.93
CA SER B 197 -18.50 8.70 27.65
C SER B 197 -17.56 9.90 27.68
N TRP B 198 -17.98 10.96 27.00
CA TRP B 198 -17.42 12.29 27.14
C TRP B 198 -16.95 12.44 28.58
N PRO B 199 -15.64 12.59 28.81
CA PRO B 199 -15.08 12.53 30.17
C PRO B 199 -15.16 13.83 30.97
N GLU B 200 -15.32 13.72 32.29
CA GLU B 200 -15.39 14.89 33.17
C GLU B 200 -14.34 15.95 32.83
N SER B 201 -13.09 15.54 32.65
CA SER B 201 -11.99 16.48 32.45
C SER B 201 -12.24 17.44 31.27
N LEU B 202 -12.89 16.92 30.22
CA LEU B 202 -13.30 17.76 29.09
C LEU B 202 -14.51 18.65 29.38
N ILE B 203 -15.31 18.30 30.38
CA ILE B 203 -16.36 19.19 30.84
C ILE B 203 -15.72 20.42 31.47
N ARG B 204 -14.74 20.19 32.35
CA ARG B 204 -13.96 21.26 33.00
C ARG B 204 -13.24 22.15 31.99
N LYS B 205 -12.68 21.54 30.96
CA LYS B 205 -11.91 22.23 29.92
C LYS B 205 -12.79 23.00 28.91
N THR B 206 -13.87 22.39 28.45
CA THR B 206 -14.60 22.94 27.31
C THR B 206 -15.91 23.66 27.63
N GLY B 207 -16.38 23.51 28.86
CA GLY B 207 -17.72 23.99 29.20
C GLY B 207 -18.83 23.07 28.72
N TYR B 208 -18.58 22.30 27.66
CA TYR B 208 -19.58 21.42 27.04
C TYR B 208 -19.87 20.16 27.86
N THR B 209 -21.16 19.82 27.96
CA THR B 209 -21.59 18.53 28.52
C THR B 209 -22.24 17.67 27.44
N LEU B 210 -22.59 16.45 27.81
CA LEU B 210 -23.29 15.51 26.94
C LEU B 210 -24.69 16.01 26.56
N GLU B 211 -25.22 16.94 27.35
CA GLU B 211 -26.53 17.55 27.10
C GLU B 211 -26.45 18.68 26.05
N SER B 212 -25.40 19.49 26.09
CA SER B 212 -25.25 20.57 25.12
C SER B 212 -24.69 20.07 23.77
N LEU B 213 -24.01 18.94 23.79
CA LEU B 213 -23.56 18.29 22.55
C LEU B 213 -24.70 17.48 21.92
N LYS B 214 -25.80 17.32 22.65
CA LYS B 214 -26.93 16.47 22.24
C LYS B 214 -27.46 16.67 20.82
N PRO B 215 -27.80 17.92 20.42
CA PRO B 215 -28.27 18.17 19.05
C PRO B 215 -27.27 17.82 17.95
N CYS B 216 -25.99 18.13 18.16
CA CYS B 216 -24.94 17.79 17.22
C CYS B 216 -24.71 16.28 17.17
N LEU B 217 -24.77 15.66 18.33
CA LEU B 217 -24.51 14.24 18.48
C LEU B 217 -25.47 13.40 17.66
N MET B 218 -26.78 13.63 17.83
CA MET B 218 -27.81 12.87 17.12
C MET B 218 -27.91 13.19 15.63
N ASP B 219 -27.39 14.35 15.23
CA ASP B 219 -27.18 14.59 13.80
C ASP B 219 -26.11 13.65 13.28
N LEU B 220 -24.96 13.66 13.96
CA LEU B 220 -23.79 12.85 13.60
C LEU B 220 -24.07 11.35 13.66
N HIS B 221 -24.87 10.95 14.63
CA HIS B 221 -25.26 9.56 14.80
C HIS B 221 -26.05 9.04 13.59
N GLN B 222 -26.94 9.88 13.04
CA GLN B 222 -27.70 9.50 11.86
C GLN B 222 -26.79 9.44 10.65
N THR B 223 -25.83 10.36 10.63
CA THR B 223 -24.84 10.45 9.57
C THR B 223 -23.96 9.21 9.60
N TYR B 224 -23.56 8.81 10.80
CA TYR B 224 -22.76 7.61 11.01
C TYR B 224 -23.56 6.37 10.60
N LEU B 225 -24.76 6.19 11.14
CA LEU B 225 -25.60 5.06 10.76
C LEU B 225 -25.89 5.00 9.26
N LYS B 226 -26.08 6.18 8.65
CA LYS B 226 -26.43 6.25 7.23
C LYS B 226 -25.23 6.21 6.29
N ALA B 227 -24.04 6.48 6.83
CA ALA B 227 -22.78 6.50 6.06
C ALA B 227 -22.67 5.50 4.90
N PRO B 228 -22.87 4.17 5.15
CA PRO B 228 -22.80 3.18 4.07
C PRO B 228 -23.63 3.49 2.82
N GLN B 229 -24.65 4.34 2.94
CA GLN B 229 -25.56 4.65 1.81
C GLN B 229 -25.42 6.06 1.23
N HIS B 230 -24.44 6.84 1.70
CA HIS B 230 -24.23 8.20 1.21
C HIS B 230 -23.84 8.21 -0.25
N ALA B 231 -24.22 9.27 -0.97
CA ALA B 231 -23.77 9.46 -2.35
C ALA B 231 -22.24 9.54 -2.41
N GLN B 232 -21.65 10.20 -1.41
CA GLN B 232 -20.19 10.37 -1.34
C GLN B 232 -19.53 9.31 -0.45
N GLN B 233 -18.46 8.69 -0.95
CA GLN B 233 -17.91 7.48 -0.35
C GLN B 233 -16.42 7.55 -0.05
N SER B 234 -15.76 8.62 -0.51
CA SER B 234 -14.31 8.74 -0.34
C SER B 234 -13.80 8.55 1.10
N ILE B 235 -14.51 9.10 2.10
CA ILE B 235 -14.06 8.98 3.49
C ILE B 235 -14.12 7.54 4.02
N ARG B 236 -15.22 6.83 3.73
CA ARG B 236 -15.32 5.44 4.14
C ARG B 236 -14.17 4.60 3.57
N GLU B 237 -13.86 4.82 2.28
CA GLU B 237 -12.72 4.15 1.62
C GLU B 237 -11.40 4.55 2.26
N LYS B 238 -11.29 5.83 2.61
CA LYS B 238 -10.07 6.35 3.21
C LYS B 238 -9.79 5.66 4.55
N TYR B 239 -10.81 5.57 5.39
CA TYR B 239 -10.64 5.01 6.74
C TYR B 239 -10.86 3.51 6.82
N LYS B 240 -10.73 2.83 5.67
CA LYS B 240 -10.76 1.37 5.58
C LYS B 240 -9.36 0.77 5.70
N ASN B 241 -8.35 1.59 5.42
CA ASN B 241 -6.96 1.17 5.41
C ASN B 241 -6.35 1.03 6.82
N SER B 242 -5.19 0.38 6.87
CA SER B 242 -4.46 0.17 8.12
C SER B 242 -3.95 1.49 8.72
N LYS B 243 -3.73 2.48 7.84
CA LYS B 243 -3.27 3.81 8.25
C LYS B 243 -4.29 4.46 9.19
N TYR B 244 -5.53 4.01 9.07
CA TYR B 244 -6.60 4.50 9.93
C TYR B 244 -7.31 3.39 10.71
N HIS B 245 -6.68 2.21 10.74
CA HIS B 245 -7.11 1.06 11.53
C HIS B 245 -8.46 0.44 11.13
N GLY B 246 -8.91 0.79 9.92
CA GLY B 246 -10.15 0.25 9.35
C GLY B 246 -11.43 0.67 10.06
N VAL B 247 -11.39 1.78 10.79
CA VAL B 247 -12.51 2.24 11.65
C VAL B 247 -13.86 2.39 10.96
N SER B 248 -13.85 2.81 9.70
CA SER B 248 -15.08 2.94 8.91
C SER B 248 -15.79 1.59 8.66
N LEU B 249 -15.16 0.51 9.13
CA LEU B 249 -15.72 -0.83 9.06
C LEU B 249 -16.18 -1.33 10.44
N LEU B 250 -16.04 -0.47 11.45
CA LEU B 250 -16.52 -0.80 12.78
C LEU B 250 -18.05 -0.74 12.82
N ASN B 251 -18.66 -1.59 13.65
CA ASN B 251 -20.11 -1.55 13.88
C ASN B 251 -20.53 -0.40 14.81
N PRO B 252 -21.24 0.61 14.26
CA PRO B 252 -21.78 1.70 15.08
C PRO B 252 -22.87 1.21 16.02
N PRO B 253 -22.99 1.83 17.22
CA PRO B 253 -24.03 1.41 18.15
C PRO B 253 -25.37 1.88 17.61
N GLU B 254 -26.42 1.10 17.82
CA GLU B 254 -27.74 1.44 17.27
C GLU B 254 -28.45 2.51 18.10
N THR B 255 -28.05 2.66 19.35
CA THR B 255 -28.48 3.80 20.18
C THR B 255 -27.33 4.33 21.01
N LEU B 256 -27.53 5.52 21.55
CA LEU B 256 -26.50 6.17 22.33
C LEU B 256 -26.81 6.25 23.82
N ASN B 257 -27.91 5.62 24.23
CA ASN B 257 -28.31 5.55 25.65
C ASN B 257 -28.09 6.87 26.41
N LEU B 258 -28.69 7.93 25.88
CA LEU B 258 -28.60 9.28 26.45
C LEU B 258 -29.63 9.50 27.55
N SER C 1 -23.86 -16.74 7.30
CA SER C 1 -22.78 -17.71 6.89
C SER C 1 -21.39 -17.20 7.26
N MET C 2 -21.21 -15.89 7.15
CA MET C 2 -19.96 -15.23 7.53
C MET C 2 -20.13 -14.52 8.86
N GLU C 3 -21.24 -14.81 9.53
CA GLU C 3 -21.58 -14.12 10.78
C GLU C 3 -20.47 -14.18 11.84
N ASN C 4 -19.73 -15.28 11.88
CA ASN C 4 -18.58 -15.39 12.79
C ASN C 4 -17.41 -14.47 12.45
N PHE C 5 -17.31 -14.06 11.19
CA PHE C 5 -16.22 -13.22 10.74
C PHE C 5 -16.58 -11.74 10.78
N GLN C 6 -15.75 -10.97 11.48
CA GLN C 6 -15.87 -9.53 11.55
C GLN C 6 -14.78 -8.89 10.69
N LYS C 7 -15.15 -7.91 9.88
CA LYS C 7 -14.18 -7.23 9.03
C LYS C 7 -13.42 -6.14 9.78
N VAL C 8 -12.10 -6.20 9.75
CA VAL C 8 -11.26 -5.25 10.48
C VAL C 8 -10.69 -4.11 9.62
N GLU C 9 -10.14 -4.44 8.44
CA GLU C 9 -9.57 -3.44 7.52
C GLU C 9 -9.29 -3.95 6.10
N LYS C 10 -9.26 -3.06 5.12
CA LYS C 10 -8.85 -3.40 3.76
C LYS C 10 -7.34 -3.60 3.66
N ILE C 11 -6.92 -4.60 2.88
CA ILE C 11 -5.50 -4.89 2.67
C ILE C 11 -5.10 -4.89 1.19
N GLY C 12 -6.03 -5.23 0.31
CA GLY C 12 -5.71 -5.29 -1.12
C GLY C 12 -6.89 -5.15 -2.07
N GLU C 13 -6.58 -5.08 -3.37
CA GLU C 13 -7.60 -4.97 -4.41
C GLU C 13 -7.58 -6.18 -5.36
N GLY C 14 -8.10 -7.29 -4.86
CA GLY C 14 -8.06 -8.55 -5.59
C GLY C 14 -9.11 -8.76 -6.67
N THR C 15 -8.87 -8.19 -7.85
CA THR C 15 -9.63 -8.48 -9.10
C THR C 15 -11.16 -8.70 -9.04
N TYR C 16 -11.61 -9.72 -8.29
CA TYR C 16 -13.04 -10.03 -8.14
C TYR C 16 -13.68 -9.36 -6.92
N GLY C 17 -12.84 -8.86 -6.01
CA GLY C 17 -13.31 -8.21 -4.80
C GLY C 17 -12.19 -7.79 -3.85
N VAL C 18 -12.56 -6.98 -2.86
CA VAL C 18 -11.61 -6.48 -1.88
C VAL C 18 -11.08 -7.61 -0.98
N VAL C 19 -9.79 -7.56 -0.69
CA VAL C 19 -9.22 -8.40 0.36
C VAL C 19 -9.21 -7.62 1.67
N TYR C 20 -9.94 -8.13 2.65
CA TYR C 20 -10.00 -7.55 3.98
C TYR C 20 -9.25 -8.41 4.99
N LYS C 21 -8.78 -7.76 6.06
CA LYS C 21 -8.29 -8.45 7.24
C LYS C 21 -9.52 -8.67 8.11
N ALA C 22 -9.60 -9.81 8.78
CA ALA C 22 -10.80 -10.18 9.51
C ALA C 22 -10.48 -11.02 10.74
N ARG C 23 -11.36 -10.91 11.74
CA ARG C 23 -11.27 -11.73 12.94
C ARG C 23 -12.48 -12.64 13.12
N ASN C 24 -12.21 -13.88 13.51
CA ASN C 24 -13.23 -14.79 13.97
C ASN C 24 -13.72 -14.27 15.31
N LYS C 25 -15.02 -13.97 15.40
CA LYS C 25 -15.62 -13.40 16.60
C LYS C 25 -15.59 -14.36 17.78
N LEU C 26 -15.37 -15.64 17.52
CA LEU C 26 -15.51 -16.68 18.55
C LEU C 26 -14.18 -17.13 19.11
N THR C 27 -13.23 -17.39 18.22
CA THR C 27 -11.90 -17.85 18.62
C THR C 27 -10.95 -16.67 18.71
N GLY C 28 -11.26 -15.61 17.97
CA GLY C 28 -10.41 -14.42 17.93
C GLY C 28 -9.32 -14.49 16.89
N GLU C 29 -9.35 -15.56 16.07
CA GLU C 29 -8.33 -15.78 15.06
C GLU C 29 -8.37 -14.69 13.99
N VAL C 30 -7.19 -14.37 13.44
CA VAL C 30 -7.04 -13.29 12.48
C VAL C 30 -6.79 -13.87 11.09
N VAL C 31 -7.54 -13.36 10.12
CA VAL C 31 -7.55 -13.96 8.78
C VAL C 31 -7.59 -12.90 7.65
N ALA C 32 -7.32 -13.35 6.43
CA ALA C 32 -7.54 -12.51 5.25
C ALA C 32 -8.63 -13.16 4.39
N LEU C 33 -9.53 -12.34 3.87
CA LEU C 33 -10.67 -12.85 3.11
C LEU C 33 -10.61 -12.35 1.68
N LYS C 34 -10.56 -13.30 0.74
CA LYS C 34 -10.64 -12.97 -0.67
C LYS C 34 -12.06 -13.24 -1.15
N LYS C 35 -12.63 -12.27 -1.85
CA LYS C 35 -14.02 -12.32 -2.28
C LYS C 35 -14.11 -12.65 -3.76
N ILE C 36 -15.07 -13.51 -4.11
CA ILE C 36 -15.36 -13.82 -5.51
C ILE C 36 -16.87 -13.80 -5.70
N ARG C 37 -17.39 -12.62 -6.07
CA ARG C 37 -18.79 -12.47 -6.43
C ARG C 37 -19.00 -13.25 -7.72
N LEU C 38 -20.09 -14.01 -7.79
CA LEU C 38 -20.33 -14.93 -8.92
C LEU C 38 -21.38 -14.48 -9.93
N ASP C 39 -22.17 -13.46 -9.56
CA ASP C 39 -23.26 -12.92 -10.41
C ASP C 39 -24.10 -14.07 -10.98
N THR C 40 -24.27 -14.06 -12.30
CA THR C 40 -24.78 -15.18 -13.10
C THR C 40 -24.39 -14.85 -14.55
N GLU C 41 -24.45 -15.85 -15.44
CA GLU C 41 -24.21 -15.68 -16.89
C GLU C 41 -22.75 -15.58 -17.32
N THR C 42 -21.85 -15.39 -16.36
CA THR C 42 -20.43 -15.60 -16.58
C THR C 42 -20.21 -17.11 -16.74
N GLU C 43 -18.97 -17.52 -17.00
CA GLU C 43 -18.65 -18.93 -17.07
C GLU C 43 -18.51 -19.58 -15.67
N GLY C 44 -19.57 -19.45 -14.85
CA GLY C 44 -19.64 -20.07 -13.53
C GLY C 44 -18.50 -19.73 -12.56
N VAL C 45 -18.10 -20.71 -11.77
CA VAL C 45 -16.97 -20.57 -10.85
C VAL C 45 -15.66 -20.47 -11.65
N PRO C 46 -14.91 -19.36 -11.46
CA PRO C 46 -13.73 -19.10 -12.30
C PRO C 46 -12.67 -20.19 -12.18
N SER C 47 -12.05 -20.53 -13.31
CA SER C 47 -10.97 -21.49 -13.36
C SER C 47 -9.84 -21.05 -12.43
N THR C 48 -9.50 -19.76 -12.51
CA THR C 48 -8.48 -19.15 -11.65
C THR C 48 -8.69 -19.54 -10.19
N ALA C 49 -9.95 -19.50 -9.74
CA ALA C 49 -10.31 -19.85 -8.38
C ALA C 49 -10.25 -21.35 -8.13
N ILE C 50 -10.85 -22.13 -9.03
CA ILE C 50 -10.83 -23.60 -8.98
C ILE C 50 -9.39 -24.13 -8.82
N ARG C 51 -8.49 -23.63 -9.66
CA ARG C 51 -7.05 -23.89 -9.51
C ARG C 51 -6.51 -23.45 -8.15
N GLU C 52 -6.72 -22.17 -7.81
CA GLU C 52 -6.18 -21.60 -6.57
C GLU C 52 -6.46 -22.44 -5.32
N ILE C 53 -7.65 -23.05 -5.28
CA ILE C 53 -8.10 -23.80 -4.10
C ILE C 53 -7.56 -25.22 -4.10
N SER C 54 -7.91 -26.01 -5.12
CA SER C 54 -7.45 -27.40 -5.22
C SER C 54 -5.94 -27.51 -5.01
N LEU C 55 -5.19 -26.65 -5.71
CA LEU C 55 -3.74 -26.64 -5.59
C LEU C 55 -3.30 -26.24 -4.18
N LEU C 56 -3.81 -25.10 -3.70
CA LEU C 56 -3.43 -24.57 -2.39
C LEU C 56 -3.81 -25.50 -1.26
N LYS C 57 -4.88 -26.27 -1.45
CA LYS C 57 -5.30 -27.27 -0.46
C LYS C 57 -4.26 -28.36 -0.30
N GLU C 58 -3.57 -28.69 -1.40
CA GLU C 58 -2.53 -29.72 -1.42
C GLU C 58 -1.12 -29.17 -1.17
N LEU C 59 -1.02 -27.93 -0.70
CA LEU C 59 0.30 -27.34 -0.43
C LEU C 59 0.44 -26.90 1.02
N ASN C 60 0.66 -27.89 1.89
CA ASN C 60 0.87 -27.66 3.31
C ASN C 60 2.37 -27.55 3.60
N HIS C 61 2.86 -26.31 3.70
CA HIS C 61 4.30 -26.03 3.90
C HIS C 61 4.49 -24.71 4.64
N PRO C 62 5.39 -24.67 5.64
CA PRO C 62 5.56 -23.47 6.48
C PRO C 62 5.90 -22.19 5.69
N ASN C 63 6.30 -22.34 4.42
CA ASN C 63 6.61 -21.20 3.56
C ASN C 63 5.58 -20.94 2.45
N ILE C 64 4.49 -21.69 2.46
CA ILE C 64 3.38 -21.42 1.54
C ILE C 64 2.19 -20.98 2.36
N VAL C 65 1.52 -19.92 1.89
CA VAL C 65 0.31 -19.39 2.55
C VAL C 65 -0.70 -20.51 2.85
N LYS C 66 -1.17 -20.54 4.08
CA LYS C 66 -2.18 -21.51 4.47
C LYS C 66 -3.59 -21.08 4.04
N LEU C 67 -4.27 -21.96 3.31
CA LEU C 67 -5.69 -21.78 3.01
C LEU C 67 -6.48 -22.51 4.08
N LEU C 68 -7.10 -21.74 4.98
CA LEU C 68 -7.82 -22.33 6.12
C LEU C 68 -9.25 -22.79 5.78
N ASP C 69 -9.94 -22.04 4.92
CA ASP C 69 -11.33 -22.35 4.59
C ASP C 69 -11.82 -21.76 3.27
N VAL C 70 -12.81 -22.42 2.68
CA VAL C 70 -13.54 -21.91 1.52
C VAL C 70 -15.01 -21.89 1.90
N ILE C 71 -15.59 -20.69 2.01
CA ILE C 71 -17.01 -20.59 2.37
C ILE C 71 -17.92 -20.48 1.15
N HIS C 72 -18.70 -21.55 0.98
CA HIS C 72 -19.30 -21.90 -0.29
C HIS C 72 -20.77 -21.54 -0.31
N THR C 73 -21.06 -20.28 -0.60
CA THR C 73 -22.43 -19.89 -0.92
C THR C 73 -22.63 -20.21 -2.41
N GLU C 74 -23.88 -20.43 -2.82
CA GLU C 74 -24.22 -20.58 -4.23
C GLU C 74 -24.14 -19.19 -4.89
N ASN C 75 -24.25 -18.17 -4.04
CA ASN C 75 -24.24 -16.76 -4.45
C ASN C 75 -22.86 -16.12 -4.44
N LYS C 76 -22.02 -16.50 -3.47
CA LYS C 76 -20.68 -15.93 -3.33
C LYS C 76 -19.63 -16.99 -2.94
N LEU C 77 -18.35 -16.60 -2.96
CA LEU C 77 -17.26 -17.51 -2.62
C LEU C 77 -16.15 -16.82 -1.84
N TYR C 78 -15.96 -17.23 -0.59
CA TYR C 78 -14.97 -16.63 0.29
C TYR C 78 -13.77 -17.53 0.49
N LEU C 79 -12.58 -16.98 0.25
CA LEU C 79 -11.35 -17.71 0.53
C LEU C 79 -10.76 -17.19 1.82
N VAL C 80 -10.56 -18.10 2.77
CA VAL C 80 -10.12 -17.74 4.10
C VAL C 80 -8.69 -18.21 4.34
N PHE C 81 -7.75 -17.28 4.19
CA PHE C 81 -6.33 -17.55 4.41
C PHE C 81 -5.93 -17.21 5.84
N GLU C 82 -4.79 -17.75 6.26
CA GLU C 82 -4.06 -17.20 7.39
C GLU C 82 -3.60 -15.79 7.04
N PHE C 83 -3.56 -14.92 8.05
CA PHE C 83 -3.14 -13.54 7.85
C PHE C 83 -1.67 -13.33 8.18
N LEU C 84 -1.01 -12.47 7.41
CA LEU C 84 0.36 -12.06 7.69
C LEU C 84 0.49 -10.55 7.56
N HIS C 85 1.33 -9.98 8.42
CA HIS C 85 1.47 -8.52 8.58
C HIS C 85 1.36 -7.70 7.29
N GLN C 86 2.14 -8.05 6.27
CA GLN C 86 2.08 -7.34 4.98
C GLN C 86 2.74 -8.09 3.82
N ASP C 87 2.50 -7.63 2.60
CA ASP C 87 3.21 -8.13 1.43
C ASP C 87 4.60 -7.52 1.35
N LEU C 88 5.40 -8.02 0.40
CA LEU C 88 6.77 -7.56 0.22
C LEU C 88 6.85 -6.18 -0.44
N LYS C 89 5.99 -5.92 -1.43
CA LYS C 89 6.01 -4.62 -2.12
C LYS C 89 5.79 -3.47 -1.15
N LYS C 90 4.91 -3.67 -0.18
CA LYS C 90 4.70 -2.72 0.90
C LYS C 90 5.98 -2.56 1.74
N PHE C 91 6.68 -3.66 1.95
CA PHE C 91 7.85 -3.66 2.82
C PHE C 91 9.06 -2.97 2.18
N MET C 92 9.40 -3.35 0.96
CA MET C 92 10.47 -2.68 0.20
C MET C 92 10.22 -1.18 0.12
N ASP C 93 8.97 -0.81 -0.19
CA ASP C 93 8.54 0.58 -0.24
C ASP C 93 8.85 1.34 1.05
N ALA C 94 8.67 0.67 2.19
CA ALA C 94 8.98 1.23 3.50
C ALA C 94 10.48 1.23 3.77
N SER C 95 11.15 0.13 3.42
CA SER C 95 12.59 0.01 3.60
C SER C 95 13.38 0.64 2.46
N ALA C 96 12.84 1.70 1.87
CA ALA C 96 13.43 2.32 0.68
C ALA C 96 14.46 3.42 0.97
N LEU C 97 14.44 3.97 2.20
CA LEU C 97 15.34 5.08 2.55
C LEU C 97 16.81 4.67 2.65
N THR C 98 17.08 3.53 3.28
CA THR C 98 18.46 3.00 3.35
C THR C 98 18.58 1.60 2.73
N GLY C 99 17.45 0.89 2.66
CA GLY C 99 17.42 -0.44 2.03
C GLY C 99 17.13 -1.54 3.03
N ILE C 100 16.98 -2.77 2.51
CA ILE C 100 16.76 -3.95 3.33
C ILE C 100 18.12 -4.61 3.61
N PRO C 101 18.45 -4.88 4.90
CA PRO C 101 19.73 -5.49 5.30
C PRO C 101 20.05 -6.82 4.59
N LEU C 102 21.34 -7.08 4.40
CA LEU C 102 21.85 -8.27 3.72
C LEU C 102 21.47 -9.62 4.34
N PRO C 103 21.60 -9.77 5.69
CA PRO C 103 21.28 -11.07 6.29
C PRO C 103 19.81 -11.48 6.08
N LEU C 104 18.92 -10.50 6.02
CA LEU C 104 17.49 -10.78 5.86
C LEU C 104 17.15 -11.14 4.42
N ILE C 105 17.83 -10.53 3.45
CA ILE C 105 17.66 -10.87 2.04
C ILE C 105 17.98 -12.35 1.84
N LYS C 106 19.09 -12.78 2.44
CA LYS C 106 19.53 -14.18 2.40
C LYS C 106 18.46 -15.12 2.94
N SER C 107 17.90 -14.78 4.11
CA SER C 107 16.83 -15.55 4.73
C SER C 107 15.63 -15.68 3.81
N TYR C 108 15.09 -14.54 3.37
CA TYR C 108 13.92 -14.51 2.52
C TYR C 108 14.10 -15.33 1.25
N LEU C 109 15.28 -15.25 0.65
CA LEU C 109 15.57 -16.03 -0.55
C LEU C 109 15.62 -17.52 -0.25
N PHE C 110 16.26 -17.88 0.86
CA PHE C 110 16.36 -19.27 1.30
C PHE C 110 14.97 -19.90 1.47
N GLN C 111 14.02 -19.11 1.96
CA GLN C 111 12.67 -19.60 2.26
C GLN C 111 11.76 -19.60 1.04
N LEU C 112 11.82 -18.55 0.22
CA LEU C 112 11.08 -18.50 -1.03
C LEU C 112 11.40 -19.73 -1.86
N LEU C 113 12.69 -20.05 -1.93
CA LEU C 113 13.20 -21.21 -2.65
C LEU C 113 12.74 -22.53 -2.01
N GLN C 114 12.63 -22.54 -0.68
CA GLN C 114 12.02 -23.68 0.01
C GLN C 114 10.53 -23.83 -0.33
N GLY C 115 9.84 -22.69 -0.46
CA GLY C 115 8.42 -22.66 -0.85
C GLY C 115 8.24 -23.08 -2.30
N LEU C 116 9.12 -22.60 -3.15
CA LEU C 116 9.08 -22.95 -4.57
C LEU C 116 9.47 -24.41 -4.80
N ALA C 117 10.43 -24.92 -4.03
CA ALA C 117 10.86 -26.30 -4.18
C ALA C 117 9.70 -27.24 -3.92
N PHE C 118 8.93 -26.94 -2.87
CA PHE C 118 7.73 -27.69 -2.56
C PHE C 118 6.77 -27.67 -3.75
N CYS C 119 6.43 -26.47 -4.23
CA CYS C 119 5.55 -26.31 -5.39
C CYS C 119 5.96 -27.22 -6.53
N HIS C 120 7.25 -27.17 -6.84
CA HIS C 120 7.81 -27.89 -7.96
C HIS C 120 7.85 -29.39 -7.68
N SER C 121 8.12 -29.76 -6.44
CA SER C 121 8.11 -31.16 -6.02
C SER C 121 6.71 -31.75 -5.97
N HIS C 122 5.70 -30.90 -6.13
CA HIS C 122 4.29 -31.33 -6.09
C HIS C 122 3.54 -30.90 -7.37
N ARG C 123 4.25 -30.98 -8.50
CA ARG C 123 3.73 -30.61 -9.82
C ARG C 123 2.83 -29.35 -9.86
N VAL C 124 3.33 -28.26 -9.28
CA VAL C 124 2.68 -26.95 -9.39
C VAL C 124 3.65 -25.91 -9.94
N LEU C 125 3.22 -25.17 -10.96
CA LEU C 125 3.91 -23.95 -11.40
C LEU C 125 3.15 -22.74 -10.85
N HIS C 126 3.85 -21.87 -10.13
CA HIS C 126 3.23 -20.70 -9.51
C HIS C 126 2.86 -19.65 -10.55
N ARG C 127 3.83 -19.33 -11.42
CA ARG C 127 3.64 -18.47 -12.59
C ARG C 127 3.26 -17.00 -12.34
N ASP C 128 3.33 -16.52 -11.10
CA ASP C 128 3.20 -15.08 -10.85
C ASP C 128 3.89 -14.63 -9.57
N LEU C 129 5.16 -15.01 -9.45
CA LEU C 129 5.96 -14.61 -8.30
C LEU C 129 6.44 -13.17 -8.46
N LYS C 130 6.05 -12.32 -7.51
CA LYS C 130 6.40 -10.89 -7.49
C LYS C 130 6.14 -10.32 -6.08
N PRO C 131 6.94 -9.31 -5.65
CA PRO C 131 6.82 -8.69 -4.34
C PRO C 131 5.41 -8.70 -3.71
N GLN C 132 4.44 -8.10 -4.39
CA GLN C 132 3.06 -8.00 -3.88
C GLN C 132 2.33 -9.33 -3.66
N ASN C 133 2.92 -10.43 -4.14
CA ASN C 133 2.36 -11.77 -3.96
C ASN C 133 3.15 -12.63 -2.97
N LEU C 134 4.16 -12.03 -2.36
CA LEU C 134 4.94 -12.71 -1.34
C LEU C 134 4.70 -12.02 -0.01
N LEU C 135 4.30 -12.79 1.00
CA LEU C 135 3.94 -12.22 2.30
C LEU C 135 4.93 -12.56 3.40
N ILE C 136 5.24 -11.55 4.22
CA ILE C 136 6.08 -11.71 5.39
C ILE C 136 5.26 -11.49 6.65
N ASN C 137 5.66 -12.14 7.75
CA ASN C 137 5.06 -11.87 9.06
C ASN C 137 5.98 -11.02 9.95
N THR C 138 5.75 -11.08 11.26
CA THR C 138 6.51 -10.31 12.26
C THR C 138 7.81 -11.02 12.72
N GLU C 139 7.78 -12.36 12.74
CA GLU C 139 8.90 -13.18 13.23
C GLU C 139 10.02 -13.40 12.19
N GLY C 140 9.86 -12.87 10.98
CA GLY C 140 10.88 -13.01 9.93
C GLY C 140 10.59 -14.02 8.82
N ALA C 141 9.52 -14.78 8.96
CA ALA C 141 9.15 -15.79 7.97
C ALA C 141 8.57 -15.13 6.73
N ILE C 142 8.68 -15.82 5.59
CA ILE C 142 8.14 -15.32 4.33
C ILE C 142 7.39 -16.44 3.58
N LYS C 143 6.30 -16.09 2.93
CA LYS C 143 5.45 -17.09 2.29
C LYS C 143 5.02 -16.73 0.88
N LEU C 144 4.94 -17.75 0.02
CA LEU C 144 4.36 -17.59 -1.32
C LEU C 144 2.86 -17.41 -1.23
N ALA C 145 2.33 -16.36 -1.88
CA ALA C 145 0.89 -16.10 -1.90
C ALA C 145 0.37 -15.89 -3.32
N ASP C 146 -0.95 -15.90 -3.47
CA ASP C 146 -1.62 -15.68 -4.76
C ASP C 146 -1.28 -16.80 -5.76
N PHE C 147 -2.06 -17.88 -5.70
CA PHE C 147 -1.86 -19.00 -6.62
C PHE C 147 -2.87 -18.92 -7.76
N GLY C 148 -3.28 -17.69 -8.07
CA GLY C 148 -4.30 -17.39 -9.09
C GLY C 148 -3.89 -17.79 -10.49
N LEU C 149 -2.62 -17.61 -10.82
CA LEU C 149 -2.09 -17.98 -12.13
C LEU C 149 -1.33 -19.32 -12.13
N ALA C 150 -1.48 -20.09 -11.06
CA ALA C 150 -0.85 -21.39 -10.96
C ALA C 150 -1.56 -22.46 -11.80
N ARG C 151 -0.86 -23.56 -12.09
CA ARG C 151 -1.50 -24.78 -12.60
C ARG C 151 -0.69 -26.06 -12.33
N ALA C 152 -1.40 -27.18 -12.27
CA ALA C 152 -0.77 -28.48 -12.14
C ALA C 152 -0.16 -28.88 -13.47
N PHE C 153 1.14 -29.16 -13.46
CA PHE C 153 1.83 -29.56 -14.69
C PHE C 153 2.14 -31.04 -14.74
N GLY C 154 2.12 -31.61 -15.94
CA GLY C 154 2.39 -33.04 -16.13
C GLY C 154 3.84 -33.30 -16.49
N VAL C 155 4.21 -34.58 -16.50
CA VAL C 155 5.56 -34.99 -16.85
C VAL C 155 5.55 -35.88 -18.10
N PRO C 156 6.17 -35.40 -19.20
CA PRO C 156 6.75 -34.06 -19.32
C PRO C 156 5.70 -32.97 -19.59
N VAL C 157 6.13 -31.72 -19.65
CA VAL C 157 5.21 -30.58 -19.79
C VAL C 157 4.53 -30.52 -21.17
N ARG C 158 3.35 -29.94 -21.20
CA ARG C 158 2.64 -29.65 -22.43
C ARG C 158 2.71 -28.16 -22.72
N THR C 159 2.05 -27.73 -23.78
CA THR C 159 1.89 -26.30 -24.08
C THR C 159 0.87 -25.73 -23.11
N TYR C 160 1.27 -24.70 -22.36
CA TYR C 160 0.39 -24.07 -21.39
C TYR C 160 0.00 -22.65 -21.80
N HIS C 162 0.03 -18.98 -22.59
CA HIS C 162 1.16 -18.13 -22.97
C HIS C 162 1.22 -16.86 -22.12
N GLU C 163 0.05 -16.26 -21.88
CA GLU C 163 -0.08 -15.07 -21.03
C GLU C 163 0.10 -15.52 -19.60
N VAL C 164 1.29 -15.26 -19.08
CA VAL C 164 1.77 -15.83 -17.84
C VAL C 164 2.86 -14.92 -17.27
N VAL C 165 2.82 -14.72 -15.95
CA VAL C 165 3.72 -13.81 -15.20
C VAL C 165 3.46 -12.32 -15.44
N THR C 166 3.51 -11.56 -14.36
CA THR C 166 3.47 -10.10 -14.42
C THR C 166 4.72 -9.63 -15.15
N LEU C 167 4.51 -8.77 -16.14
CA LEU C 167 5.53 -8.32 -17.11
C LEU C 167 7.00 -8.29 -16.64
N TRP C 168 7.28 -7.50 -15.60
CA TRP C 168 8.67 -7.25 -15.15
C TRP C 168 9.45 -8.48 -14.67
N TYR C 169 8.74 -9.60 -14.51
CA TYR C 169 9.31 -10.82 -13.96
C TYR C 169 9.21 -11.99 -14.94
N ARG C 170 8.78 -11.70 -16.16
CA ARG C 170 8.51 -12.73 -17.17
C ARG C 170 9.78 -13.26 -17.84
N ALA C 171 9.98 -14.58 -17.73
CA ALA C 171 11.11 -15.25 -18.35
C ALA C 171 11.06 -15.05 -19.87
N PRO C 172 12.23 -14.88 -20.51
CA PRO C 172 12.29 -14.51 -21.92
C PRO C 172 11.75 -15.58 -22.87
N GLU C 173 11.74 -16.83 -22.44
CA GLU C 173 11.20 -17.93 -23.26
C GLU C 173 9.69 -17.81 -23.46
N ILE C 174 9.03 -17.15 -22.52
CA ILE C 174 7.63 -16.76 -22.67
C ILE C 174 7.50 -15.55 -23.59
N LEU C 175 8.44 -14.62 -23.48
CA LEU C 175 8.44 -13.43 -24.34
C LEU C 175 8.82 -13.78 -25.77
N LEU C 176 9.46 -14.93 -25.96
CA LEU C 176 9.82 -15.44 -27.29
C LEU C 176 8.75 -16.35 -27.90
N GLY C 177 7.70 -16.63 -27.13
CA GLY C 177 6.56 -17.41 -27.59
C GLY C 177 6.80 -18.91 -27.69
N CYS C 178 7.64 -19.43 -26.78
CA CYS C 178 7.98 -20.85 -26.76
C CYS C 178 6.80 -21.78 -26.75
N LYS C 179 6.99 -22.96 -27.34
CA LYS C 179 5.96 -23.97 -27.36
C LYS C 179 5.80 -24.59 -25.96
N TYR C 180 6.92 -24.81 -25.29
CA TYR C 180 6.91 -25.40 -23.95
C TYR C 180 7.72 -24.54 -22.96
N TYR C 181 7.28 -24.51 -21.70
CA TYR C 181 8.05 -23.94 -20.59
C TYR C 181 7.75 -24.70 -19.29
N SER C 182 8.57 -24.51 -18.27
CA SER C 182 8.43 -25.25 -17.00
C SER C 182 8.95 -24.48 -15.77
N THR C 183 9.29 -25.24 -14.72
CA THR C 183 9.70 -24.70 -13.41
C THR C 183 10.65 -23.51 -13.45
N ALA C 184 11.51 -23.48 -14.47
CA ALA C 184 12.48 -22.41 -14.67
C ALA C 184 11.85 -21.03 -14.85
N VAL C 185 10.57 -20.99 -15.20
CA VAL C 185 9.87 -19.70 -15.31
C VAL C 185 9.70 -19.08 -13.92
N ASP C 186 9.45 -19.93 -12.92
CA ASP C 186 9.35 -19.48 -11.54
C ASP C 186 10.71 -19.06 -10.99
N ILE C 187 11.76 -19.79 -11.36
CA ILE C 187 13.14 -19.47 -10.94
C ILE C 187 13.60 -18.11 -11.48
N TRP C 188 13.26 -17.83 -12.73
CA TRP C 188 13.59 -16.54 -13.34
C TRP C 188 12.98 -15.40 -12.55
N SER C 189 11.75 -15.60 -12.07
CA SER C 189 11.01 -14.59 -11.33
C SER C 189 11.63 -14.30 -9.97
N LEU C 190 12.04 -15.35 -9.26
CA LEU C 190 12.75 -15.21 -8.00
C LEU C 190 14.11 -14.57 -8.22
N GLY C 191 14.66 -14.81 -9.41
CA GLY C 191 15.89 -14.16 -9.82
C GLY C 191 15.70 -12.65 -9.78
N CYS C 192 14.63 -12.18 -10.41
CA CYS C 192 14.33 -10.75 -10.47
C CYS C 192 14.00 -10.17 -9.10
N ILE C 193 13.35 -10.98 -8.26
CA ILE C 193 12.97 -10.57 -6.92
C ILE C 193 14.21 -10.49 -6.04
N PHE C 194 15.12 -11.44 -6.22
CA PHE C 194 16.39 -11.45 -5.52
C PHE C 194 17.15 -10.16 -5.78
N ALA C 195 17.21 -9.75 -7.04
CA ALA C 195 17.89 -8.52 -7.44
C ALA C 195 17.21 -7.27 -6.90
N GLU C 196 15.88 -7.22 -7.00
CA GLU C 196 15.09 -6.06 -6.57
C GLU C 196 15.30 -5.70 -5.10
N MET C 197 15.52 -6.72 -4.26
CA MET C 197 15.73 -6.56 -2.82
C MET C 197 17.12 -5.95 -2.52
N VAL C 198 17.98 -5.96 -3.53
CA VAL C 198 19.35 -5.47 -3.40
C VAL C 198 19.48 -4.04 -3.92
N THR C 199 18.93 -3.80 -5.11
CA THR C 199 19.00 -2.49 -5.76
C THR C 199 17.86 -1.54 -5.35
N ARG C 200 16.91 -2.06 -4.59
CA ARG C 200 15.69 -1.34 -4.18
C ARG C 200 14.66 -1.14 -5.32
N ARG C 201 15.14 -0.88 -6.53
CA ARG C 201 14.27 -0.71 -7.70
C ARG C 201 14.14 -1.97 -8.57
N ALA C 202 13.08 -2.01 -9.37
CA ALA C 202 12.78 -3.18 -10.21
C ALA C 202 13.85 -3.41 -11.27
N LEU C 203 14.23 -4.68 -11.46
CA LEU C 203 15.35 -5.05 -12.33
C LEU C 203 15.13 -4.71 -13.81
N PHE C 204 14.00 -5.12 -14.36
CA PHE C 204 13.67 -4.81 -15.75
C PHE C 204 12.31 -4.10 -15.85
N PRO C 205 12.30 -2.76 -15.73
CA PRO C 205 11.04 -2.00 -15.76
C PRO C 205 10.53 -1.68 -17.17
N GLY C 206 10.43 -2.70 -18.03
CA GLY C 206 9.88 -2.54 -19.38
C GLY C 206 8.39 -2.23 -19.35
N ASP C 207 7.93 -1.43 -20.31
CA ASP C 207 6.51 -1.03 -20.40
C ASP C 207 5.82 -1.53 -21.68
N SER C 208 6.45 -2.50 -22.34
CA SER C 208 5.82 -3.31 -23.39
C SER C 208 6.53 -4.67 -23.39
N GLU C 209 6.00 -5.62 -24.15
CA GLU C 209 6.64 -6.93 -24.31
C GLU C 209 7.97 -6.79 -25.05
N ILE C 210 7.94 -6.13 -26.21
CA ILE C 210 9.14 -5.91 -27.01
C ILE C 210 10.21 -5.09 -26.26
N ASP C 211 9.75 -4.25 -25.32
CA ASP C 211 10.66 -3.42 -24.51
C ASP C 211 11.32 -4.24 -23.40
N GLN C 212 10.50 -5.07 -22.75
CA GLN C 212 10.96 -5.98 -21.68
C GLN C 212 12.12 -6.87 -22.16
N LEU C 213 11.96 -7.46 -23.34
CA LEU C 213 13.04 -8.18 -24.02
C LEU C 213 14.31 -7.34 -24.13
N PHE C 214 14.17 -6.11 -24.63
CA PHE C 214 15.32 -5.22 -24.86
C PHE C 214 16.08 -4.84 -23.58
N ARG C 215 15.37 -4.75 -22.46
CA ARG C 215 15.98 -4.41 -21.17
C ARG C 215 16.69 -5.61 -20.53
N ILE C 216 16.16 -6.81 -20.76
CA ILE C 216 16.85 -8.04 -20.38
C ILE C 216 18.11 -8.17 -21.23
N PHE C 217 17.93 -7.95 -22.54
CA PHE C 217 18.99 -8.00 -23.53
C PHE C 217 20.20 -7.16 -23.12
N ARG C 218 19.96 -5.88 -22.83
CA ARG C 218 21.01 -4.93 -22.45
C ARG C 218 21.87 -5.41 -21.27
N THR C 219 21.23 -5.82 -20.18
CA THR C 219 21.92 -6.28 -18.97
C THR C 219 22.66 -7.61 -19.18
N LEU C 220 21.89 -8.68 -19.41
CA LEU C 220 22.45 -10.02 -19.51
C LEU C 220 23.29 -10.28 -20.76
N GLY C 221 22.94 -9.59 -21.84
CA GLY C 221 23.60 -9.78 -23.13
C GLY C 221 22.66 -10.37 -24.16
N THR C 222 22.83 -9.98 -25.43
CA THR C 222 22.01 -10.48 -26.52
C THR C 222 22.35 -11.95 -26.79
N PRO C 223 21.40 -12.86 -26.49
CA PRO C 223 21.66 -14.29 -26.58
C PRO C 223 21.87 -14.77 -28.01
N ASP C 224 22.95 -15.54 -28.21
CA ASP C 224 23.21 -16.19 -29.49
C ASP C 224 22.98 -17.68 -29.34
N GLU C 225 23.23 -18.43 -30.41
CA GLU C 225 23.07 -19.89 -30.42
C GLU C 225 23.98 -20.59 -29.42
N VAL C 226 25.17 -20.03 -29.19
CA VAL C 226 26.13 -20.57 -28.22
C VAL C 226 25.51 -20.62 -26.83
N VAL C 227 25.18 -19.46 -26.30
CA VAL C 227 24.66 -19.35 -24.94
C VAL C 227 23.21 -19.83 -24.77
N TRP C 228 22.49 -20.01 -25.88
CA TRP C 228 21.12 -20.57 -25.84
C TRP C 228 20.69 -21.27 -27.14
N PRO C 229 21.04 -22.57 -27.28
CA PRO C 229 20.75 -23.38 -28.47
C PRO C 229 19.30 -23.28 -28.96
N GLY C 230 19.12 -22.74 -30.16
CA GLY C 230 17.81 -22.64 -30.78
C GLY C 230 17.08 -21.33 -30.51
N VAL C 231 17.83 -20.24 -30.33
CA VAL C 231 17.25 -18.93 -30.03
C VAL C 231 16.84 -18.11 -31.26
N THR C 232 17.58 -18.23 -32.37
CA THR C 232 17.21 -17.57 -33.62
C THR C 232 16.08 -18.33 -34.31
N SER C 233 15.58 -19.36 -33.63
CA SER C 233 14.60 -20.30 -34.19
C SER C 233 13.21 -20.10 -33.60
N MET C 234 13.15 -19.42 -32.46
CA MET C 234 11.89 -19.25 -31.71
C MET C 234 10.91 -18.25 -32.34
N PRO C 235 9.59 -18.49 -32.16
CA PRO C 235 8.49 -17.86 -32.92
C PRO C 235 8.47 -16.34 -32.94
N ASP C 236 8.76 -15.71 -31.81
CA ASP C 236 8.70 -14.26 -31.70
C ASP C 236 10.06 -13.58 -31.80
N TYR C 237 11.13 -14.39 -31.91
CA TYR C 237 12.48 -13.86 -32.15
C TYR C 237 12.51 -13.15 -33.50
N LYS C 238 13.18 -11.99 -33.53
CA LYS C 238 13.37 -11.23 -34.75
C LYS C 238 14.86 -11.19 -35.11
N PRO C 239 15.21 -11.54 -36.36
CA PRO C 239 16.61 -11.57 -36.82
C PRO C 239 17.33 -10.24 -36.55
N SER C 240 16.55 -9.17 -36.47
CA SER C 240 17.07 -7.81 -36.36
C SER C 240 17.17 -7.33 -34.91
N PHE C 241 17.48 -8.24 -33.98
CA PHE C 241 17.71 -7.85 -32.59
C PHE C 241 19.10 -7.26 -32.41
N PRO C 242 19.17 -6.06 -31.79
CA PRO C 242 20.45 -5.39 -31.51
C PRO C 242 21.34 -6.24 -30.61
N LYS C 243 22.58 -6.45 -31.03
CA LYS C 243 23.55 -7.22 -30.24
C LYS C 243 24.26 -6.34 -29.20
N TRP C 244 23.78 -6.41 -27.97
CA TRP C 244 24.45 -5.76 -26.84
C TRP C 244 25.21 -6.81 -26.03
N ALA C 245 26.49 -6.52 -25.76
CA ALA C 245 27.43 -7.50 -25.22
C ALA C 245 27.09 -7.98 -23.81
N ARG C 246 27.33 -9.28 -23.57
CA ARG C 246 27.20 -9.87 -22.24
C ARG C 246 28.12 -9.13 -21.27
N GLN C 247 27.53 -8.29 -20.42
CA GLN C 247 28.33 -7.42 -19.55
C GLN C 247 28.40 -7.89 -18.09
N ASP C 248 29.42 -7.38 -17.38
CA ASP C 248 29.85 -7.89 -16.08
C ASP C 248 28.73 -8.07 -15.05
N PHE C 249 28.80 -9.19 -14.32
CA PHE C 249 27.80 -9.53 -13.32
C PHE C 249 28.14 -8.98 -11.94
N SER C 250 29.38 -8.49 -11.79
CA SER C 250 29.77 -7.76 -10.58
C SER C 250 29.47 -6.27 -10.70
N LYS C 251 28.88 -5.90 -11.84
CA LYS C 251 28.41 -4.54 -12.08
C LYS C 251 26.92 -4.40 -11.75
N VAL C 252 26.13 -5.39 -12.15
CA VAL C 252 24.67 -5.37 -12.03
C VAL C 252 24.20 -5.19 -10.58
N VAL C 253 24.89 -5.86 -9.67
CA VAL C 253 24.52 -5.89 -8.24
C VAL C 253 25.70 -5.54 -7.31
N PRO C 254 26.04 -4.25 -7.20
CA PRO C 254 27.22 -3.80 -6.42
C PRO C 254 27.27 -4.23 -4.94
N PRO C 255 26.13 -4.23 -4.23
CA PRO C 255 26.18 -4.70 -2.83
C PRO C 255 26.39 -6.21 -2.65
N LEU C 256 26.22 -7.01 -3.70
CA LEU C 256 26.35 -8.46 -3.60
C LEU C 256 27.79 -8.94 -3.62
N ASP C 257 28.08 -9.96 -2.80
CA ASP C 257 29.40 -10.58 -2.76
C ASP C 257 29.56 -11.61 -3.87
N GLU C 258 30.72 -12.29 -3.89
CA GLU C 258 31.03 -13.34 -4.85
C GLU C 258 29.95 -14.44 -4.94
N ASP C 259 29.62 -15.05 -3.80
CA ASP C 259 28.60 -16.10 -3.76
C ASP C 259 27.25 -15.60 -4.26
N GLY C 260 26.95 -14.33 -3.99
CA GLY C 260 25.69 -13.71 -4.42
C GLY C 260 25.53 -13.64 -5.93
N ARG C 261 26.52 -13.05 -6.60
CA ARG C 261 26.52 -12.92 -8.06
C ARG C 261 26.51 -14.30 -8.73
N SER C 262 27.17 -15.25 -8.07
CA SER C 262 27.22 -16.64 -8.51
C SER C 262 25.83 -17.24 -8.67
N LEU C 263 25.00 -17.06 -7.65
CA LEU C 263 23.63 -17.59 -7.65
C LEU C 263 22.73 -16.83 -8.60
N LEU C 264 22.84 -15.51 -8.61
CA LEU C 264 21.99 -14.68 -9.46
C LEU C 264 22.14 -15.04 -10.95
N SER C 265 23.37 -15.36 -11.36
CA SER C 265 23.67 -15.74 -12.75
C SER C 265 23.05 -17.09 -13.14
N GLN C 266 23.18 -18.09 -12.27
CA GLN C 266 22.60 -19.41 -12.48
C GLN C 266 21.07 -19.37 -12.55
N MET C 267 20.49 -18.34 -11.95
CA MET C 267 19.05 -18.13 -11.95
C MET C 267 18.59 -17.44 -13.22
N LEU C 268 19.52 -16.81 -13.93
CA LEU C 268 19.21 -16.06 -15.15
C LEU C 268 19.77 -16.68 -16.43
N HIS C 269 20.37 -17.87 -16.31
CA HIS C 269 20.83 -18.62 -17.47
C HIS C 269 19.79 -18.60 -18.58
N TYR C 270 20.14 -18.09 -19.75
CA TYR C 270 19.21 -18.00 -20.88
C TYR C 270 18.54 -19.33 -21.21
N ASP C 271 19.32 -20.41 -21.16
CA ASP C 271 18.81 -21.75 -21.38
C ASP C 271 18.14 -22.25 -20.11
N PRO C 272 16.81 -22.49 -20.18
CA PRO C 272 16.05 -22.98 -19.03
C PRO C 272 16.44 -24.39 -18.62
N ASN C 273 17.00 -25.16 -19.55
CA ASN C 273 17.58 -26.45 -19.22
C ASN C 273 18.79 -26.30 -18.34
N LYS C 274 19.49 -25.18 -18.53
CA LYS C 274 20.70 -24.86 -17.78
C LYS C 274 20.37 -24.10 -16.49
N ARG C 275 19.32 -23.27 -16.55
CA ARG C 275 18.87 -22.49 -15.41
C ARG C 275 18.72 -23.37 -14.18
N ILE C 276 19.27 -22.91 -13.06
CA ILE C 276 19.32 -23.67 -11.79
C ILE C 276 17.94 -24.12 -11.26
N SER C 277 17.92 -25.16 -10.44
CA SER C 277 16.68 -25.64 -9.84
C SER C 277 16.58 -25.16 -8.39
N ALA C 278 15.35 -25.10 -7.87
CA ALA C 278 15.12 -24.69 -6.50
C ALA C 278 15.84 -25.59 -5.51
N LYS C 279 15.91 -26.89 -5.82
CA LYS C 279 16.67 -27.84 -5.01
C LYS C 279 18.17 -27.52 -4.96
N ALA C 280 18.76 -27.21 -6.12
CA ALA C 280 20.18 -26.95 -6.22
C ALA C 280 20.55 -25.57 -5.69
N ALA C 281 19.63 -24.62 -5.84
CA ALA C 281 19.80 -23.30 -5.25
C ALA C 281 19.93 -23.46 -3.74
N LEU C 282 19.10 -24.33 -3.17
CA LEU C 282 19.15 -24.67 -1.76
C LEU C 282 20.42 -25.42 -1.35
N ALA C 283 21.39 -25.49 -2.26
CA ALA C 283 22.68 -26.09 -1.98
C ALA C 283 23.82 -25.10 -2.18
N HIS C 284 23.55 -24.02 -2.91
CA HIS C 284 24.52 -22.98 -3.21
C HIS C 284 25.21 -22.46 -1.94
N PRO C 285 26.55 -22.32 -1.97
CA PRO C 285 27.34 -21.85 -0.83
C PRO C 285 26.91 -20.49 -0.26
N PHE C 286 25.99 -19.81 -0.96
CA PHE C 286 25.41 -18.55 -0.49
C PHE C 286 24.66 -18.70 0.84
N PHE C 287 23.92 -19.80 1.00
CA PHE C 287 23.11 -20.05 2.20
C PHE C 287 23.84 -20.83 3.31
N GLN C 288 25.17 -20.89 3.22
CA GLN C 288 25.97 -21.69 4.15
C GLN C 288 25.90 -21.22 5.62
N ASP C 289 25.44 -20.00 5.84
CA ASP C 289 25.41 -19.40 7.17
C ASP C 289 24.11 -18.64 7.46
N VAL C 290 23.04 -19.05 6.77
CA VAL C 290 21.74 -18.35 6.81
C VAL C 290 21.09 -18.32 8.22
N THR C 291 20.46 -17.19 8.55
CA THR C 291 19.75 -17.01 9.83
C THR C 291 18.33 -16.48 9.59
N LYS C 292 17.52 -16.50 10.65
CA LYS C 292 16.17 -15.93 10.62
C LYS C 292 16.11 -14.71 11.54
N PRO C 293 16.28 -13.49 10.99
CA PRO C 293 16.20 -12.24 11.77
C PRO C 293 14.78 -11.65 11.87
N VAL C 294 14.66 -10.55 12.63
CA VAL C 294 13.39 -9.83 12.82
C VAL C 294 13.42 -8.47 12.09
N PRO C 295 12.45 -8.25 11.17
CA PRO C 295 12.42 -7.00 10.39
C PRO C 295 11.78 -5.83 11.13
N HIS C 296 12.11 -4.61 10.70
CA HIS C 296 11.54 -3.40 11.28
C HIS C 296 10.21 -3.08 10.59
N LEU C 297 9.17 -2.84 11.40
CA LEU C 297 7.82 -2.62 10.88
C LEU C 297 7.12 -1.43 11.55
N VAL D 1 17.14 -31.04 -16.94
CA VAL D 1 17.51 -31.77 -15.69
C VAL D 1 16.26 -32.38 -15.01
N PRO D 2 16.19 -33.73 -14.93
CA PRO D 2 15.12 -34.38 -14.19
C PRO D 2 15.51 -34.66 -12.73
N ASP D 3 15.22 -33.71 -11.85
CA ASP D 3 15.46 -33.90 -10.41
C ASP D 3 14.22 -33.59 -9.55
N TYR D 4 13.10 -33.35 -10.22
CA TYR D 4 11.79 -33.24 -9.58
C TYR D 4 10.90 -34.37 -10.04
N HIS D 5 11.33 -35.02 -11.12
CA HIS D 5 10.57 -36.09 -11.74
C HIS D 5 10.43 -37.31 -10.84
N GLU D 6 11.37 -37.48 -9.90
CA GLU D 6 11.26 -38.55 -8.92
C GLU D 6 10.27 -38.19 -7.82
N ASP D 7 10.36 -36.94 -7.35
CA ASP D 7 9.50 -36.44 -6.28
C ASP D 7 8.03 -36.37 -6.71
N ILE D 8 7.79 -36.00 -7.96
CA ILE D 8 6.46 -35.93 -8.55
C ILE D 8 5.79 -37.31 -8.59
N HIS D 9 6.50 -38.30 -9.11
CA HIS D 9 6.00 -39.68 -9.19
C HIS D 9 5.63 -40.22 -7.81
N THR D 10 6.52 -40.01 -6.83
CA THR D 10 6.32 -40.46 -5.46
C THR D 10 5.07 -39.84 -4.84
N TYR D 11 4.85 -38.56 -5.13
CA TYR D 11 3.68 -37.84 -4.66
C TYR D 11 2.40 -38.26 -5.39
N LEU D 12 2.50 -38.45 -6.70
CA LEU D 12 1.35 -38.89 -7.50
C LEU D 12 0.89 -40.28 -7.12
N ARG D 13 1.83 -41.14 -6.69
CA ARG D 13 1.50 -42.47 -6.19
C ARG D 13 0.78 -42.39 -4.86
N GLU D 14 1.21 -41.40 -4.06
CA GLU D 14 0.64 -41.13 -2.75
C GLU D 14 -0.80 -40.62 -2.85
N MET D 15 -1.08 -39.81 -3.89
CA MET D 15 -2.36 -39.15 -4.04
C MET D 15 -3.39 -39.97 -4.79
N GLU D 16 -2.94 -40.91 -5.62
CA GLU D 16 -3.86 -41.76 -6.39
C GLU D 16 -4.59 -42.72 -5.47
N VAL D 17 -4.04 -42.93 -4.27
CA VAL D 17 -4.70 -43.70 -3.23
C VAL D 17 -5.87 -42.88 -2.70
N LYS D 18 -5.59 -41.60 -2.41
CA LYS D 18 -6.59 -40.70 -1.82
C LYS D 18 -7.68 -40.27 -2.80
N CYS D 19 -7.31 -39.85 -4.01
CA CYS D 19 -8.31 -39.46 -5.02
C CYS D 19 -8.97 -40.69 -5.68
N LYS D 20 -9.16 -41.73 -4.86
CA LYS D 20 -9.69 -43.01 -5.29
C LYS D 20 -11.17 -43.16 -4.92
N PRO D 21 -12.00 -43.64 -5.86
CA PRO D 21 -13.40 -43.91 -5.58
C PRO D 21 -13.57 -45.22 -4.80
N LYS D 22 -14.79 -45.47 -4.34
CA LYS D 22 -15.10 -46.72 -3.66
C LYS D 22 -15.14 -47.87 -4.67
N VAL D 23 -14.84 -49.08 -4.19
CA VAL D 23 -14.62 -50.24 -5.07
C VAL D 23 -15.88 -50.59 -5.88
N GLY D 24 -16.93 -51.02 -5.20
CA GLY D 24 -18.19 -51.37 -5.86
C GLY D 24 -19.32 -50.44 -5.48
N TYR D 25 -19.20 -49.18 -5.88
CA TYR D 25 -20.21 -48.18 -5.53
C TYR D 25 -21.49 -48.31 -6.34
N MET D 26 -21.43 -49.03 -7.45
CA MET D 26 -22.58 -49.13 -8.34
C MET D 26 -23.69 -49.99 -7.76
N LYS D 27 -23.29 -50.97 -6.94
CA LYS D 27 -24.23 -51.88 -6.27
C LYS D 27 -25.13 -51.16 -5.26
N LYS D 28 -24.61 -50.11 -4.64
CA LYS D 28 -25.38 -49.31 -3.69
C LYS D 28 -26.22 -48.20 -4.36
N GLN D 29 -25.96 -47.91 -5.63
CA GLN D 29 -26.77 -46.99 -6.43
C GLN D 29 -28.07 -47.64 -6.91
N PRO D 30 -29.22 -47.20 -6.36
CA PRO D 30 -30.51 -47.88 -6.60
C PRO D 30 -31.07 -47.73 -8.02
N ASP D 31 -30.59 -46.74 -8.78
CA ASP D 31 -31.19 -46.44 -10.08
C ASP D 31 -30.24 -46.54 -11.28
N ILE D 32 -28.93 -46.44 -11.05
CA ILE D 32 -27.97 -46.50 -12.16
C ILE D 32 -27.11 -47.78 -12.17
N THR D 33 -26.55 -48.10 -13.33
CA THR D 33 -25.75 -49.31 -13.51
C THR D 33 -24.43 -48.99 -14.19
N ASN D 34 -23.48 -49.93 -14.11
CA ASN D 34 -22.18 -49.80 -14.77
C ASN D 34 -22.28 -49.61 -16.28
N SER D 35 -23.33 -50.20 -16.86
CA SER D 35 -23.63 -50.13 -18.29
C SER D 35 -24.10 -48.73 -18.70
N MET D 36 -24.88 -48.08 -17.83
CA MET D 36 -25.29 -46.70 -18.03
C MET D 36 -24.08 -45.76 -17.93
N ARG D 37 -23.20 -46.05 -16.97
CA ARG D 37 -21.96 -45.29 -16.78
C ARG D 37 -21.12 -45.29 -18.04
N ALA D 38 -21.04 -46.45 -18.69
CA ALA D 38 -20.26 -46.63 -19.91
C ALA D 38 -20.71 -45.68 -21.02
N ILE D 39 -22.02 -45.61 -21.26
CA ILE D 39 -22.59 -44.75 -22.30
C ILE D 39 -22.23 -43.27 -22.05
N LEU D 40 -22.39 -42.83 -20.80
CA LEU D 40 -22.02 -41.48 -20.37
C LEU D 40 -20.56 -41.19 -20.67
N VAL D 41 -19.69 -42.11 -20.26
CA VAL D 41 -18.26 -41.99 -20.47
C VAL D 41 -17.87 -42.04 -21.95
N ASP D 42 -18.53 -42.92 -22.70
CA ASP D 42 -18.34 -43.03 -24.16
C ASP D 42 -18.73 -41.75 -24.90
N TRP D 43 -19.82 -41.13 -24.45
CA TRP D 43 -20.28 -39.86 -25.02
C TRP D 43 -19.36 -38.68 -24.67
N LEU D 44 -18.84 -38.67 -23.44
CA LEU D 44 -17.91 -37.62 -23.04
C LEU D 44 -16.63 -37.70 -23.88
N VAL D 45 -16.31 -38.90 -24.37
CA VAL D 45 -15.18 -39.10 -25.30
C VAL D 45 -15.46 -38.39 -26.64
N GLU D 46 -16.73 -38.34 -27.01
CA GLU D 46 -17.14 -37.61 -28.21
C GLU D 46 -17.14 -36.09 -27.99
N VAL D 47 -17.41 -35.66 -26.77
CA VAL D 47 -17.34 -34.25 -26.40
C VAL D 47 -15.90 -33.76 -26.52
N GLY D 48 -14.96 -34.58 -26.08
CA GLY D 48 -13.53 -34.28 -26.15
C GLY D 48 -13.00 -34.11 -27.56
N GLU D 49 -13.47 -34.95 -28.48
CA GLU D 49 -13.10 -34.83 -29.90
C GLU D 49 -13.73 -33.59 -30.53
N GLU D 50 -15.01 -33.38 -30.25
CA GLU D 50 -15.75 -32.23 -30.76
C GLU D 50 -15.11 -30.91 -30.37
N TYR D 51 -14.76 -30.77 -29.09
CA TYR D 51 -14.20 -29.52 -28.61
C TYR D 51 -12.67 -29.47 -28.57
N LYS D 52 -12.05 -30.47 -29.21
CA LYS D 52 -10.59 -30.59 -29.33
C LYS D 52 -9.89 -30.55 -27.97
N LEU D 53 -10.61 -31.05 -26.97
CA LEU D 53 -10.12 -31.12 -25.59
C LEU D 53 -8.99 -32.13 -25.50
N GLN D 54 -8.14 -31.94 -24.51
CA GLN D 54 -7.03 -32.85 -24.21
C GLN D 54 -7.54 -34.23 -23.78
N ASN D 55 -6.63 -35.19 -23.69
CA ASN D 55 -6.93 -36.52 -23.16
C ASN D 55 -7.02 -36.53 -21.64
N GLU D 56 -6.26 -35.63 -21.02
CA GLU D 56 -6.19 -35.51 -19.58
C GLU D 56 -7.49 -34.95 -19.01
N THR D 57 -8.11 -34.04 -19.75
CA THR D 57 -9.42 -33.51 -19.39
C THR D 57 -10.45 -34.66 -19.29
N LEU D 58 -10.54 -35.49 -20.32
CA LEU D 58 -11.40 -36.67 -20.32
C LEU D 58 -11.17 -37.48 -19.06
N HIS D 59 -9.92 -37.87 -18.83
CA HIS D 59 -9.54 -38.68 -17.67
C HIS D 59 -9.93 -38.03 -16.33
N LEU D 60 -9.77 -36.71 -16.21
CA LEU D 60 -10.09 -36.04 -14.95
C LEU D 60 -11.59 -36.09 -14.65
N ALA D 61 -12.40 -35.89 -15.71
CA ALA D 61 -13.85 -35.93 -15.59
C ALA D 61 -14.35 -37.25 -14.99
N VAL D 62 -13.91 -38.37 -15.57
CA VAL D 62 -14.27 -39.71 -15.05
C VAL D 62 -13.89 -39.88 -13.58
N ASN D 63 -12.69 -39.44 -13.20
CA ASN D 63 -12.29 -39.36 -11.79
C ASN D 63 -13.40 -38.68 -10.97
N TYR D 64 -13.72 -37.44 -11.35
CA TYR D 64 -14.78 -36.67 -10.70
C TYR D 64 -16.09 -37.45 -10.60
N ILE D 65 -16.59 -37.93 -11.74
CA ILE D 65 -17.87 -38.66 -11.80
C ILE D 65 -17.91 -39.83 -10.81
N ASP D 66 -16.83 -40.62 -10.82
CA ASP D 66 -16.76 -41.85 -10.03
C ASP D 66 -16.75 -41.55 -8.54
N ARG D 67 -16.02 -40.51 -8.17
CA ARG D 67 -15.92 -40.09 -6.79
C ARG D 67 -17.25 -39.52 -6.32
N PHE D 68 -17.85 -38.66 -7.16
CA PHE D 68 -19.17 -38.14 -6.89
C PHE D 68 -20.17 -39.27 -6.62
N LEU D 69 -20.21 -40.24 -7.54
CA LEU D 69 -21.16 -41.34 -7.46
C LEU D 69 -20.92 -42.32 -6.32
N SER D 70 -19.73 -42.27 -5.73
CA SER D 70 -19.39 -43.12 -4.59
C SER D 70 -20.10 -42.66 -3.33
N SER D 71 -20.41 -41.37 -3.25
CA SER D 71 -21.12 -40.82 -2.09
C SER D 71 -22.47 -40.18 -2.40
N MET D 72 -22.77 -39.92 -3.68
CA MET D 72 -24.07 -39.35 -4.05
C MET D 72 -24.95 -40.32 -4.84
N SER D 73 -26.22 -40.39 -4.45
CA SER D 73 -27.21 -41.19 -5.14
C SER D 73 -27.86 -40.34 -6.22
N VAL D 74 -27.83 -40.83 -7.45
CA VAL D 74 -28.36 -40.12 -8.60
C VAL D 74 -29.38 -40.99 -9.33
N LEU D 75 -30.37 -40.34 -9.96
CA LEU D 75 -31.30 -41.02 -10.86
C LEU D 75 -30.76 -40.96 -12.29
N ARG D 76 -31.41 -41.67 -13.21
CA ARG D 76 -30.95 -41.77 -14.61
C ARG D 76 -31.05 -40.44 -15.39
N GLY D 77 -32.12 -39.69 -15.14
CA GLY D 77 -32.36 -38.41 -15.81
C GLY D 77 -31.38 -37.33 -15.40
N LYS D 78 -30.66 -37.55 -14.30
CA LYS D 78 -29.67 -36.58 -13.81
C LYS D 78 -28.22 -37.05 -13.98
N LEU D 79 -28.05 -38.29 -14.44
CA LEU D 79 -26.71 -38.88 -14.62
C LEU D 79 -25.86 -38.16 -15.69
N GLN D 80 -26.53 -37.55 -16.67
CA GLN D 80 -25.83 -36.78 -17.71
C GLN D 80 -25.51 -35.34 -17.27
N LEU D 81 -26.29 -34.81 -16.33
CA LEU D 81 -26.00 -33.49 -15.76
C LEU D 81 -24.72 -33.55 -14.92
N VAL D 82 -24.54 -34.65 -14.20
CA VAL D 82 -23.35 -34.87 -13.38
C VAL D 82 -22.11 -34.91 -14.28
N GLY D 83 -22.13 -35.77 -15.30
CA GLY D 83 -21.00 -35.91 -16.23
C GLY D 83 -20.64 -34.63 -16.97
N THR D 84 -21.65 -33.83 -17.30
CA THR D 84 -21.44 -32.54 -17.96
C THR D 84 -20.66 -31.59 -17.05
N ALA D 85 -21.12 -31.44 -15.81
CA ALA D 85 -20.46 -30.56 -14.86
C ALA D 85 -19.02 -31.02 -14.62
N ALA D 86 -18.83 -32.33 -14.46
CA ALA D 86 -17.50 -32.91 -14.33
C ALA D 86 -16.58 -32.51 -15.50
N MET D 87 -17.12 -32.57 -16.73
CA MET D 87 -16.37 -32.16 -17.91
C MET D 87 -16.03 -30.69 -17.81
N LEU D 88 -17.04 -29.88 -17.53
CA LEU D 88 -16.86 -28.44 -17.32
C LEU D 88 -15.77 -28.15 -16.28
N LEU D 89 -15.74 -28.93 -15.22
CA LEU D 89 -14.72 -28.78 -14.18
C LEU D 89 -13.34 -29.15 -14.70
N ALA D 90 -13.27 -30.30 -15.38
CA ALA D 90 -12.03 -30.76 -15.99
C ALA D 90 -11.50 -29.71 -16.95
N SER D 91 -12.36 -29.25 -17.86
CA SER D 91 -12.03 -28.18 -18.78
C SER D 91 -11.40 -26.99 -18.07
N LYS D 92 -12.08 -26.47 -17.06
CA LYS D 92 -11.63 -25.25 -16.37
C LYS D 92 -10.27 -25.42 -15.70
N PHE D 93 -10.04 -26.61 -15.16
CA PHE D 93 -8.79 -26.92 -14.49
C PHE D 93 -7.67 -27.20 -15.50
N GLU D 94 -7.97 -28.04 -16.50
CA GLU D 94 -6.93 -28.60 -17.37
C GLU D 94 -6.69 -27.81 -18.65
N GLU D 95 -7.76 -27.31 -19.27
CA GLU D 95 -7.68 -26.65 -20.57
C GLU D 95 -7.19 -25.20 -20.49
N ILE D 96 -6.54 -24.75 -21.55
CA ILE D 96 -6.20 -23.34 -21.72
C ILE D 96 -7.47 -22.61 -22.14
N TYR D 97 -8.20 -23.19 -23.09
CA TYR D 97 -9.46 -22.62 -23.54
C TYR D 97 -10.63 -23.58 -23.32
N PRO D 98 -11.27 -23.50 -22.13
CA PRO D 98 -12.46 -24.28 -21.89
C PRO D 98 -13.59 -23.80 -22.81
N PRO D 99 -14.33 -24.73 -23.43
CA PRO D 99 -15.53 -24.26 -24.11
C PRO D 99 -16.41 -23.55 -23.08
N GLU D 100 -17.15 -22.54 -23.51
CA GLU D 100 -18.04 -21.79 -22.62
C GLU D 100 -19.22 -22.64 -22.13
N VAL D 101 -19.89 -22.19 -21.07
CA VAL D 101 -21.00 -22.95 -20.49
C VAL D 101 -22.08 -23.23 -21.53
N ALA D 102 -22.32 -22.25 -22.40
CA ALA D 102 -23.31 -22.39 -23.47
C ALA D 102 -23.09 -23.67 -24.30
N GLU D 103 -21.83 -24.01 -24.54
CA GLU D 103 -21.49 -25.20 -25.32
C GLU D 103 -21.80 -26.49 -24.56
N PHE D 104 -21.68 -26.45 -23.24
CA PHE D 104 -21.98 -27.62 -22.40
C PHE D 104 -23.49 -27.89 -22.28
N VAL D 105 -24.30 -26.94 -22.71
CA VAL D 105 -25.74 -27.15 -22.86
C VAL D 105 -26.06 -27.62 -24.28
N TYR D 106 -25.40 -27.03 -25.28
CA TYR D 106 -25.63 -27.39 -26.69
C TYR D 106 -25.56 -28.90 -26.96
N ILE D 107 -24.45 -29.52 -26.54
CA ILE D 107 -24.21 -30.94 -26.79
C ILE D 107 -25.07 -31.90 -25.96
N THR D 108 -26.17 -31.37 -25.40
CA THR D 108 -27.13 -32.19 -24.67
C THR D 108 -28.54 -32.03 -25.23
N ASP D 109 -28.66 -31.31 -26.35
CA ASP D 109 -29.95 -30.88 -26.92
C ASP D 109 -30.83 -30.19 -25.86
N ASP D 110 -30.17 -29.41 -24.99
CA ASP D 110 -30.82 -28.67 -23.90
C ASP D 110 -31.60 -29.55 -22.91
N THR D 111 -31.06 -30.74 -22.60
CA THR D 111 -31.66 -31.62 -21.61
C THR D 111 -31.66 -30.92 -20.25
N TYR D 112 -30.71 -30.01 -20.06
CA TYR D 112 -30.61 -29.21 -18.84
C TYR D 112 -30.41 -27.74 -19.19
N THR D 113 -30.62 -26.86 -18.22
CA THR D 113 -30.50 -25.43 -18.47
C THR D 113 -29.12 -24.96 -18.03
N LYS D 114 -28.80 -23.69 -18.31
CA LYS D 114 -27.54 -23.11 -17.87
C LYS D 114 -27.46 -23.01 -16.34
N LYS D 115 -28.57 -22.63 -15.72
CA LYS D 115 -28.70 -22.61 -14.25
C LYS D 115 -28.40 -23.98 -13.64
N GLN D 116 -28.92 -25.02 -14.28
CA GLN D 116 -28.75 -26.40 -13.82
C GLN D 116 -27.30 -26.89 -13.85
N VAL D 117 -26.58 -26.55 -14.92
CA VAL D 117 -25.18 -26.94 -15.10
C VAL D 117 -24.28 -26.16 -14.14
N LEU D 118 -24.64 -24.91 -13.87
CA LEU D 118 -23.91 -24.07 -12.94
C LEU D 118 -24.16 -24.51 -11.50
N ARG D 119 -25.39 -24.91 -11.19
CA ARG D 119 -25.72 -25.37 -9.84
C ARG D 119 -25.11 -26.74 -9.53
N MET D 120 -25.03 -27.60 -10.55
CA MET D 120 -24.39 -28.91 -10.44
C MET D 120 -22.88 -28.80 -10.26
N GLU D 121 -22.25 -27.92 -11.03
CA GLU D 121 -20.82 -27.63 -10.89
C GLU D 121 -20.47 -27.37 -9.44
N HIS D 122 -21.31 -26.57 -8.78
CA HIS D 122 -21.14 -26.22 -7.38
C HIS D 122 -21.33 -27.45 -6.49
N LEU D 123 -22.33 -28.26 -6.82
CA LEU D 123 -22.63 -29.47 -6.02
C LEU D 123 -21.44 -30.43 -6.05
N VAL D 124 -20.86 -30.59 -7.24
CA VAL D 124 -19.68 -31.41 -7.42
C VAL D 124 -18.51 -30.82 -6.63
N LEU D 125 -18.28 -29.52 -6.77
CA LEU D 125 -17.22 -28.83 -6.02
C LEU D 125 -17.33 -29.09 -4.51
N LYS D 126 -18.55 -29.05 -3.98
CA LYS D 126 -18.83 -29.37 -2.59
C LYS D 126 -18.57 -30.87 -2.25
N VAL D 127 -19.10 -31.77 -3.06
CA VAL D 127 -18.95 -33.21 -2.81
C VAL D 127 -17.50 -33.67 -2.88
N LEU D 128 -16.72 -33.06 -3.78
CA LEU D 128 -15.30 -33.35 -3.91
C LEU D 128 -14.41 -32.47 -3.02
N THR D 129 -15.03 -31.71 -2.11
CA THR D 129 -14.33 -30.73 -1.25
C THR D 129 -13.21 -29.98 -1.99
N PHE D 130 -13.46 -29.69 -3.27
CA PHE D 130 -12.57 -28.93 -4.17
C PHE D 130 -11.29 -29.63 -4.62
N ASP D 131 -11.09 -30.89 -4.22
CA ASP D 131 -9.89 -31.64 -4.60
C ASP D 131 -9.97 -32.19 -6.04
N LEU D 132 -9.51 -31.38 -6.98
CA LEU D 132 -9.61 -31.69 -8.41
C LEU D 132 -8.29 -32.13 -9.03
N ALA D 133 -7.19 -31.86 -8.34
CA ALA D 133 -5.86 -32.22 -8.84
C ALA D 133 -5.56 -33.71 -8.65
N ALA D 134 -6.44 -34.56 -9.20
CA ALA D 134 -6.34 -36.01 -9.09
C ALA D 134 -5.26 -36.59 -10.02
N PRO D 135 -4.60 -37.68 -9.59
CA PRO D 135 -3.73 -38.42 -10.49
C PRO D 135 -4.56 -39.22 -11.48
N THR D 136 -4.08 -39.32 -12.71
CA THR D 136 -4.80 -39.99 -13.78
C THR D 136 -3.90 -40.99 -14.47
N VAL D 137 -4.51 -42.00 -15.09
CA VAL D 137 -3.80 -43.00 -15.92
C VAL D 137 -2.90 -42.33 -16.96
N ASN D 138 -3.40 -41.25 -17.55
CA ASN D 138 -2.65 -40.44 -18.51
C ASN D 138 -1.39 -39.74 -17.92
N GLN D 139 -1.46 -39.32 -16.66
CA GLN D 139 -0.30 -38.69 -15.99
C GLN D 139 0.80 -39.69 -15.70
N PHE D 140 0.41 -40.96 -15.63
CA PHE D 140 1.38 -42.02 -15.39
C PHE D 140 1.97 -42.53 -16.72
N LEU D 141 1.11 -42.75 -17.71
CA LEU D 141 1.58 -43.12 -19.05
C LEU D 141 2.64 -42.16 -19.58
N THR D 142 2.33 -40.85 -19.54
CA THR D 142 3.23 -39.82 -20.09
C THR D 142 4.59 -39.85 -19.42
N GLN D 143 4.62 -40.19 -18.13
CA GLN D 143 5.88 -40.44 -17.43
C GLN D 143 6.63 -41.66 -18.01
N TYR D 144 5.93 -42.80 -18.12
CA TYR D 144 6.53 -44.05 -18.59
C TYR D 144 7.05 -43.97 -20.03
N PHE D 145 6.42 -43.09 -20.82
CA PHE D 145 6.78 -42.91 -22.22
C PHE D 145 8.24 -42.49 -22.40
N LEU D 146 8.75 -41.73 -21.44
CA LEU D 146 10.13 -41.26 -21.47
C LEU D 146 11.16 -42.38 -21.23
N HIS D 147 10.68 -43.61 -21.09
CA HIS D 147 11.56 -44.76 -20.85
C HIS D 147 11.64 -45.72 -22.03
N GLN D 148 11.03 -45.33 -23.15
CA GLN D 148 11.21 -46.03 -24.41
C GLN D 148 12.56 -45.66 -25.02
N GLN D 149 13.25 -46.67 -25.55
CA GLN D 149 14.61 -46.48 -26.06
C GLN D 149 14.81 -47.20 -27.40
N PRO D 150 14.73 -46.45 -28.53
CA PRO D 150 14.40 -45.02 -28.63
C PRO D 150 12.89 -44.77 -28.55
N ALA D 151 12.51 -43.49 -28.52
CA ALA D 151 11.11 -43.08 -28.31
C ALA D 151 10.20 -43.36 -29.50
N ASN D 152 9.53 -44.52 -29.44
CA ASN D 152 8.53 -44.91 -30.44
C ASN D 152 7.17 -44.36 -30.05
N CYS D 153 6.44 -43.79 -31.01
CA CYS D 153 5.14 -43.18 -30.68
C CYS D 153 3.92 -43.86 -31.33
N LYS D 154 4.14 -44.97 -32.03
CA LYS D 154 3.06 -45.89 -32.37
C LYS D 154 2.59 -46.57 -31.08
N VAL D 155 3.54 -46.77 -30.17
CA VAL D 155 3.30 -47.39 -28.87
C VAL D 155 2.71 -46.38 -27.89
N GLU D 156 3.05 -45.10 -28.07
CA GLU D 156 2.47 -44.03 -27.27
C GLU D 156 0.97 -43.92 -27.53
N SER D 157 0.58 -43.96 -28.80
CA SER D 157 -0.83 -43.89 -29.20
C SER D 157 -1.62 -45.10 -28.70
N LEU D 158 -1.03 -46.29 -28.80
CA LEU D 158 -1.71 -47.53 -28.43
C LEU D 158 -1.93 -47.64 -26.92
N ALA D 159 -0.94 -47.21 -26.15
CA ALA D 159 -1.02 -47.18 -24.69
C ALA D 159 -2.16 -46.27 -24.21
N MET D 160 -2.28 -45.10 -24.85
CA MET D 160 -3.35 -44.16 -24.54
C MET D 160 -4.71 -44.72 -24.95
N PHE D 161 -4.74 -45.41 -26.09
CA PHE D 161 -5.93 -46.11 -26.55
C PHE D 161 -6.40 -47.12 -25.53
N LEU D 162 -5.52 -48.08 -25.19
CA LEU D 162 -5.81 -49.11 -24.19
C LEU D 162 -6.21 -48.49 -22.86
N GLY D 163 -5.42 -47.53 -22.38
CA GLY D 163 -5.72 -46.82 -21.14
C GLY D 163 -6.99 -45.98 -21.20
N GLU D 164 -7.41 -45.61 -22.41
CA GLU D 164 -8.65 -44.86 -22.57
C GLU D 164 -9.86 -45.79 -22.55
N LEU D 165 -9.67 -47.02 -23.02
CA LEU D 165 -10.70 -48.05 -22.97
C LEU D 165 -11.00 -48.49 -21.53
N SER D 166 -10.04 -48.27 -20.63
CA SER D 166 -10.20 -48.66 -19.24
C SER D 166 -11.22 -47.80 -18.50
N LEU D 167 -11.44 -46.59 -19.00
CA LEU D 167 -12.34 -45.61 -18.37
C LEU D 167 -13.82 -45.96 -18.60
N ILE D 168 -14.07 -46.74 -19.65
CA ILE D 168 -15.41 -47.09 -20.08
C ILE D 168 -16.15 -47.99 -19.08
N ASP D 169 -15.44 -48.97 -18.52
CA ASP D 169 -16.09 -50.01 -17.72
C ASP D 169 -15.60 -50.08 -16.30
N ALA D 170 -16.52 -49.92 -15.35
CA ALA D 170 -16.20 -49.94 -13.93
C ALA D 170 -15.80 -51.34 -13.47
N ASP D 171 -16.48 -52.34 -14.03
CA ASP D 171 -16.10 -53.71 -13.83
C ASP D 171 -15.17 -54.09 -14.99
N PRO D 172 -13.89 -54.39 -14.69
CA PRO D 172 -13.23 -54.43 -13.38
C PRO D 172 -12.28 -53.28 -13.02
N TYR D 173 -12.09 -52.31 -13.91
CA TYR D 173 -11.00 -51.30 -13.78
C TYR D 173 -11.03 -50.38 -12.55
N LEU D 174 -12.17 -50.33 -11.86
CA LEU D 174 -12.26 -49.66 -10.57
C LEU D 174 -11.40 -50.33 -9.51
N LYS D 175 -11.17 -51.63 -9.64
CA LYS D 175 -10.36 -52.36 -8.67
C LYS D 175 -8.90 -51.90 -8.74
N TYR D 176 -8.50 -51.45 -9.93
CA TYR D 176 -7.11 -51.14 -10.20
C TYR D 176 -6.77 -49.66 -10.05
N LEU D 177 -5.65 -49.38 -9.40
CA LEU D 177 -5.11 -48.03 -9.27
C LEU D 177 -4.58 -47.50 -10.60
N PRO D 178 -4.74 -46.19 -10.85
CA PRO D 178 -4.31 -45.50 -12.08
C PRO D 178 -2.91 -45.85 -12.60
N SER D 179 -1.91 -45.81 -11.71
CA SER D 179 -0.51 -46.12 -12.07
C SER D 179 -0.37 -47.53 -12.62
N VAL D 180 -1.16 -48.44 -12.05
CA VAL D 180 -1.15 -49.84 -12.47
C VAL D 180 -1.75 -50.03 -13.87
N ILE D 181 -2.91 -49.42 -14.12
CA ILE D 181 -3.56 -49.49 -15.44
C ILE D 181 -2.61 -48.97 -16.54
N ALA D 182 -1.94 -47.86 -16.24
CA ALA D 182 -0.94 -47.28 -17.14
C ALA D 182 0.21 -48.26 -17.35
N GLY D 183 0.62 -48.93 -16.28
CA GLY D 183 1.63 -49.98 -16.35
C GLY D 183 1.26 -51.06 -17.35
N ALA D 184 0.13 -51.72 -17.11
CA ALA D 184 -0.39 -52.74 -18.03
C ALA D 184 -0.50 -52.21 -19.46
N ALA D 185 -1.06 -51.01 -19.61
CA ALA D 185 -1.23 -50.40 -20.93
C ALA D 185 0.07 -49.96 -21.60
N PHE D 186 1.12 -49.71 -20.83
CA PHE D 186 2.42 -49.39 -21.43
C PHE D 186 3.13 -50.66 -21.92
N HIS D 187 3.08 -51.71 -21.08
CA HIS D 187 3.68 -53.01 -21.42
C HIS D 187 2.92 -53.71 -22.54
N LEU D 188 1.59 -53.71 -22.45
CA LEU D 188 0.74 -54.38 -23.45
C LEU D 188 0.93 -53.76 -24.84
N ALA D 189 0.96 -52.43 -24.89
CA ALA D 189 1.18 -51.69 -26.12
C ALA D 189 2.56 -51.95 -26.74
N LEU D 190 3.58 -52.00 -25.87
CA LEU D 190 4.97 -52.24 -26.28
C LEU D 190 5.14 -53.63 -26.87
N TYR D 191 4.39 -54.60 -26.32
CA TYR D 191 4.42 -55.99 -26.77
C TYR D 191 3.75 -56.15 -28.14
N THR D 192 2.78 -55.29 -28.43
CA THR D 192 2.00 -55.37 -29.67
C THR D 192 2.75 -54.79 -30.88
N VAL D 193 3.46 -53.68 -30.67
CA VAL D 193 4.19 -53.03 -31.77
C VAL D 193 5.68 -53.39 -31.81
N THR D 194 6.42 -52.94 -30.79
CA THR D 194 7.87 -53.18 -30.72
C THR D 194 8.22 -54.62 -30.37
N GLY D 195 7.37 -55.27 -29.58
CA GLY D 195 7.57 -56.66 -29.17
C GLY D 195 8.27 -56.82 -27.82
N GLN D 196 8.81 -55.73 -27.30
CA GLN D 196 9.58 -55.72 -26.05
C GLN D 196 8.72 -55.91 -24.79
N SER D 197 9.37 -55.83 -23.64
CA SER D 197 8.71 -55.97 -22.33
C SER D 197 8.84 -54.71 -21.48
N TRP D 198 8.05 -54.66 -20.41
CA TRP D 198 8.11 -53.65 -19.35
C TRP D 198 9.53 -53.58 -18.77
N PRO D 199 10.27 -52.50 -19.12
CA PRO D 199 11.73 -52.41 -18.90
C PRO D 199 12.19 -52.30 -17.44
N GLU D 200 13.48 -52.55 -17.22
CA GLU D 200 14.10 -52.50 -15.88
C GLU D 200 14.04 -51.08 -15.28
N SER D 201 14.33 -50.10 -16.12
CA SER D 201 14.23 -48.68 -15.77
C SER D 201 12.88 -48.34 -15.12
N LEU D 202 11.83 -49.02 -15.57
CA LEU D 202 10.48 -48.80 -15.05
C LEU D 202 10.10 -49.68 -13.87
N ILE D 203 10.71 -50.85 -13.75
CA ILE D 203 10.55 -51.69 -12.55
C ILE D 203 11.17 -50.97 -11.34
N ARG D 204 12.34 -50.37 -11.58
CA ARG D 204 13.05 -49.56 -10.61
C ARG D 204 12.21 -48.36 -10.14
N LYS D 205 11.57 -47.69 -11.10
CA LYS D 205 10.83 -46.46 -10.86
C LYS D 205 9.55 -46.68 -10.04
N THR D 206 8.82 -47.76 -10.35
CA THR D 206 7.50 -48.02 -9.75
C THR D 206 7.53 -48.97 -8.55
N GLY D 207 8.40 -49.98 -8.60
CA GLY D 207 8.38 -51.05 -7.63
C GLY D 207 7.38 -52.13 -8.01
N TYR D 208 6.89 -52.06 -9.25
CA TYR D 208 6.00 -53.08 -9.82
C TYR D 208 6.77 -54.03 -10.73
N THR D 209 6.71 -55.32 -10.43
CA THR D 209 7.24 -56.35 -11.35
C THR D 209 6.19 -56.68 -12.42
N LEU D 210 6.54 -57.54 -13.37
CA LEU D 210 5.59 -58.03 -14.36
C LEU D 210 4.59 -58.96 -13.67
N GLU D 211 5.06 -59.58 -12.58
CA GLU D 211 4.23 -60.37 -11.66
C GLU D 211 3.05 -59.57 -11.09
N SER D 212 3.34 -58.41 -10.51
CA SER D 212 2.31 -57.60 -9.87
C SER D 212 1.40 -56.86 -10.86
N LEU D 213 1.87 -56.71 -12.10
CA LEU D 213 1.07 -56.10 -13.17
C LEU D 213 0.22 -57.14 -13.90
N LYS D 214 0.17 -58.36 -13.36
CA LYS D 214 -0.44 -59.50 -14.04
C LYS D 214 -1.97 -59.53 -14.00
N PRO D 215 -2.60 -59.38 -12.81
CA PRO D 215 -4.06 -59.46 -12.77
C PRO D 215 -4.73 -58.41 -13.64
N CYS D 216 -4.17 -57.20 -13.62
CA CYS D 216 -4.65 -56.09 -14.43
C CYS D 216 -4.47 -56.36 -15.92
N LEU D 217 -3.24 -56.74 -16.30
CA LEU D 217 -2.87 -56.95 -17.70
C LEU D 217 -3.80 -57.95 -18.40
N MET D 218 -4.10 -59.05 -17.73
CA MET D 218 -4.94 -60.10 -18.29
C MET D 218 -6.36 -59.60 -18.56
N ASP D 219 -6.84 -58.71 -17.70
CA ASP D 219 -8.13 -58.06 -17.89
C ASP D 219 -8.11 -57.11 -19.08
N LEU D 220 -7.02 -56.35 -19.17
CA LEU D 220 -6.83 -55.39 -20.25
C LEU D 220 -6.80 -56.10 -21.60
N HIS D 221 -6.07 -57.22 -21.66
CA HIS D 221 -6.04 -58.03 -22.87
C HIS D 221 -7.42 -58.51 -23.29
N GLN D 222 -8.26 -58.89 -22.33
CA GLN D 222 -9.63 -59.32 -22.61
C GLN D 222 -10.47 -58.18 -23.19
N THR D 223 -10.25 -56.97 -22.69
CA THR D 223 -10.95 -55.79 -23.17
C THR D 223 -10.49 -55.46 -24.59
N TYR D 224 -9.18 -55.59 -24.80
CA TYR D 224 -8.52 -55.27 -26.07
C TYR D 224 -9.07 -56.11 -27.23
N LEU D 225 -9.27 -57.41 -26.98
CA LEU D 225 -9.82 -58.31 -27.99
C LEU D 225 -11.32 -58.11 -28.19
N LYS D 226 -12.03 -57.77 -27.13
CA LYS D 226 -13.47 -57.55 -27.20
C LYS D 226 -13.83 -56.18 -27.73
N ALA D 227 -12.84 -55.29 -27.77
CA ALA D 227 -13.03 -53.89 -28.20
C ALA D 227 -13.78 -53.72 -29.54
N PRO D 228 -13.41 -54.50 -30.59
CA PRO D 228 -14.21 -54.51 -31.82
C PRO D 228 -15.69 -54.88 -31.61
N GLN D 229 -15.95 -55.83 -30.70
CA GLN D 229 -17.30 -56.30 -30.43
C GLN D 229 -18.03 -55.52 -29.33
N HIS D 230 -17.26 -54.77 -28.54
CA HIS D 230 -17.78 -54.03 -27.39
C HIS D 230 -18.89 -53.08 -27.81
N ALA D 231 -19.94 -52.99 -26.99
CA ALA D 231 -21.11 -52.16 -27.30
C ALA D 231 -20.78 -50.70 -27.60
N GLN D 232 -19.87 -50.11 -26.81
CA GLN D 232 -19.38 -48.74 -27.01
C GLN D 232 -18.15 -48.72 -27.91
N GLN D 233 -18.09 -47.76 -28.83
CA GLN D 233 -17.08 -47.77 -29.88
C GLN D 233 -16.31 -46.47 -30.10
N SER D 234 -16.61 -45.45 -29.29
CA SER D 234 -16.08 -44.08 -29.53
C SER D 234 -14.57 -43.96 -29.51
N ILE D 235 -13.91 -44.74 -28.66
CA ILE D 235 -12.46 -44.71 -28.57
C ILE D 235 -11.81 -45.44 -29.76
N ARG D 236 -12.50 -46.44 -30.30
CA ARG D 236 -12.05 -47.10 -31.52
C ARG D 236 -12.17 -46.18 -32.73
N GLU D 237 -13.27 -45.43 -32.82
CA GLU D 237 -13.45 -44.43 -33.88
C GLU D 237 -12.37 -43.35 -33.73
N LYS D 238 -12.14 -42.91 -32.49
CA LYS D 238 -11.16 -41.86 -32.19
C LYS D 238 -9.74 -42.25 -32.56
N TYR D 239 -9.32 -43.45 -32.19
CA TYR D 239 -7.93 -43.88 -32.38
C TYR D 239 -7.58 -44.44 -33.78
N LYS D 240 -8.53 -44.32 -34.72
CA LYS D 240 -8.29 -44.63 -36.14
C LYS D 240 -7.76 -43.41 -36.91
N ASN D 241 -7.63 -42.28 -36.21
CA ASN D 241 -7.36 -40.98 -36.82
C ASN D 241 -5.95 -40.78 -37.36
N SER D 242 -5.60 -39.51 -37.55
CA SER D 242 -4.27 -39.13 -37.93
C SER D 242 -3.40 -39.04 -36.67
N LYS D 243 -3.79 -38.14 -35.77
CA LYS D 243 -3.03 -37.86 -34.57
C LYS D 243 -2.68 -39.13 -33.80
N TYR D 244 -3.43 -40.19 -34.03
CA TYR D 244 -3.25 -41.43 -33.27
C TYR D 244 -2.73 -42.62 -34.09
N HIS D 245 -2.23 -42.31 -35.28
CA HIS D 245 -1.56 -43.27 -36.17
C HIS D 245 -2.48 -44.36 -36.74
N GLY D 246 -3.55 -44.66 -36.02
CA GLY D 246 -4.50 -45.70 -36.43
C GLY D 246 -4.31 -46.99 -35.64
N VAL D 247 -3.96 -46.83 -34.36
CA VAL D 247 -3.60 -47.97 -33.50
C VAL D 247 -4.78 -48.86 -33.11
N SER D 248 -6.01 -48.39 -33.33
CA SER D 248 -7.21 -49.17 -33.04
C SER D 248 -7.56 -50.14 -34.17
N LEU D 249 -6.67 -50.25 -35.15
CA LEU D 249 -6.85 -51.16 -36.28
C LEU D 249 -5.73 -52.19 -36.36
N LEU D 250 -4.78 -52.10 -35.44
CA LEU D 250 -3.74 -53.11 -35.29
C LEU D 250 -4.35 -54.42 -34.78
N ASN D 251 -3.64 -55.52 -35.04
CA ASN D 251 -4.05 -56.83 -34.55
C ASN D 251 -3.52 -57.14 -33.15
N PRO D 252 -4.43 -57.20 -32.14
CA PRO D 252 -4.02 -57.62 -30.81
C PRO D 252 -3.42 -59.03 -30.82
N PRO D 253 -2.29 -59.24 -30.11
CA PRO D 253 -1.71 -60.59 -29.97
C PRO D 253 -2.70 -61.54 -29.29
N GLU D 254 -2.53 -62.84 -29.48
CA GLU D 254 -3.43 -63.81 -28.88
C GLU D 254 -2.99 -64.29 -27.50
N THR D 255 -1.68 -64.47 -27.32
CA THR D 255 -1.12 -64.72 -25.98
C THR D 255 -0.05 -63.67 -25.62
N LEU D 256 0.38 -63.70 -24.36
CA LEU D 256 1.29 -62.67 -23.84
C LEU D 256 2.65 -63.18 -23.35
N ASN D 257 2.81 -64.50 -23.28
CA ASN D 257 4.01 -65.14 -22.73
C ASN D 257 4.34 -64.64 -21.33
N LEU D 258 3.68 -65.23 -20.34
CA LEU D 258 3.72 -64.75 -18.97
C LEU D 258 4.24 -65.82 -17.99
N HIS E 1 25.64 37.09 8.71
CA HIS E 1 26.70 36.14 9.18
C HIS E 1 26.13 34.73 9.36
N HIS E 2 25.72 34.12 8.24
CA HIS E 2 24.87 32.92 8.16
C HIS E 2 23.40 33.31 7.96
N ALA E 3 22.82 32.80 6.86
CA ALA E 3 21.46 33.15 6.47
C ALA E 3 20.42 32.31 7.20
N SER E 4 19.15 32.73 7.11
CA SER E 4 18.02 31.97 7.64
C SER E 4 17.76 30.74 6.77
N PRO E 5 17.39 29.60 7.39
CA PRO E 5 17.10 28.40 6.60
C PRO E 5 15.78 28.51 5.83
N ARG E 6 15.87 28.61 4.52
CA ARG E 6 14.68 28.72 3.65
C ARG E 6 14.19 27.40 3.09
N LYS E 7 12.94 27.40 2.63
CA LYS E 7 12.34 26.27 1.92
C LYS E 7 12.43 26.45 0.40
N HIS E 19 1.16 8.57 -10.33
CA HIS E 19 -0.22 9.13 -10.35
C HIS E 19 -1.31 8.05 -10.25
N THR E 20 -1.56 7.57 -9.04
CA THR E 20 -2.58 6.53 -8.82
C THR E 20 -3.96 7.10 -9.12
N LEU E 21 -4.23 8.29 -8.60
CA LEU E 21 -5.49 9.01 -8.87
C LEU E 21 -5.36 9.86 -10.14
N LYS E 22 -6.28 9.65 -11.07
CA LYS E 22 -6.25 10.39 -12.33
C LYS E 22 -6.93 11.74 -12.17
N GLY E 23 -6.56 12.70 -13.04
CA GLY E 23 -7.18 14.01 -13.06
C GLY E 23 -8.63 13.92 -13.49
N ARG E 24 -9.46 14.82 -13.00
CA ARG E 24 -10.89 14.76 -13.30
C ARG E 24 -11.54 16.13 -13.38
N ARG E 25 -12.38 16.32 -14.39
CA ARG E 25 -13.27 17.47 -14.44
C ARG E 25 -14.56 17.03 -13.77
N LEU E 26 -14.90 17.68 -12.66
CA LEU E 26 -16.07 17.29 -11.87
C LEU E 26 -17.37 17.55 -12.60
N VAL E 27 -18.25 16.55 -12.59
CA VAL E 27 -19.55 16.66 -13.23
C VAL E 27 -20.59 17.14 -12.23
N PHE E 28 -21.10 18.35 -12.42
CA PHE E 28 -22.18 18.88 -11.58
C PHE E 28 -23.51 18.84 -12.34
N ASP E 29 -24.27 17.76 -12.17
CA ASP E 29 -25.48 17.52 -12.97
C ASP E 29 -26.75 18.23 -12.49
N ASN E 30 -27.21 17.87 -11.30
CA ASN E 30 -28.48 18.36 -10.75
C ASN E 30 -29.73 17.88 -11.53
N ALA F 3 0.09 -4.56 -13.76
CA ALA F 3 -1.11 -5.42 -13.55
C ALA F 3 -0.84 -6.91 -13.83
N SER F 4 -1.65 -7.78 -13.23
CA SER F 4 -1.49 -9.22 -13.36
C SER F 4 -2.20 -9.71 -14.63
N PRO F 5 -1.55 -10.62 -15.41
CA PRO F 5 -2.18 -11.23 -16.59
C PRO F 5 -3.45 -12.00 -16.24
N ARG F 6 -4.38 -12.06 -17.19
CA ARG F 6 -5.66 -12.74 -16.98
C ARG F 6 -5.96 -13.77 -18.06
N LYS F 7 -7.23 -14.20 -18.12
CA LYS F 7 -7.62 -15.26 -19.04
C LYS F 7 -9.13 -15.20 -19.32
N THR F 20 -20.03 -29.94 -36.10
CA THR F 20 -20.83 -31.20 -36.10
C THR F 20 -21.06 -31.71 -34.68
N LEU F 21 -21.37 -33.01 -34.56
CA LEU F 21 -21.80 -33.64 -33.30
C LEU F 21 -23.01 -32.89 -32.73
N LYS F 22 -24.19 -33.25 -33.23
CA LYS F 22 -25.40 -32.41 -33.07
C LYS F 22 -25.85 -32.13 -31.63
N GLY F 23 -25.81 -33.14 -30.78
CA GLY F 23 -26.20 -32.98 -29.38
C GLY F 23 -27.22 -34.02 -28.96
N ARG F 24 -26.72 -35.07 -28.30
CA ARG F 24 -27.54 -36.22 -27.91
C ARG F 24 -28.12 -36.06 -26.50
N ARG F 25 -29.15 -36.85 -26.20
CA ARG F 25 -29.80 -36.81 -24.89
C ARG F 25 -29.51 -38.05 -24.02
N LEU F 26 -28.85 -39.06 -24.60
CA LEU F 26 -28.49 -40.31 -23.90
C LEU F 26 -29.66 -40.96 -23.17
N VAL F 27 -30.22 -42.01 -23.78
CA VAL F 27 -31.33 -42.77 -23.17
C VAL F 27 -30.89 -44.18 -22.74
N PHE F 28 -31.35 -44.61 -21.57
CA PHE F 28 -30.82 -45.83 -20.94
C PHE F 28 -31.82 -46.99 -20.91
#